data_2X4Q
#
_entry.id   2X4Q
#
_cell.length_a   62.030
_cell.length_b   86.486
_cell.length_c   80.466
_cell.angle_alpha   90.00
_cell.angle_beta   90.21
_cell.angle_gamma   90.00
#
_symmetry.space_group_name_H-M   'P 1 21 1'
#
loop_
_entity.id
_entity.type
_entity.pdbx_description
1 polymer 'HLA CLASS I HISTOCOMPATIBILITY ANTIGEN, A-2.1'
2 polymer BETA-2-MICROGLOBULIN
3 polymer 'HLA-A2.1-RESTRICTED INFLUENZA A MATRIX EPITOPE'
4 non-polymer '2-(N-MORPHOLINO)-ETHANESULFONIC ACID'
5 non-polymer GLYCEROL
6 water water
#
loop_
_entity_poly.entity_id
_entity_poly.type
_entity_poly.pdbx_seq_one_letter_code
_entity_poly.pdbx_strand_id
1 'polypeptide(L)'
;GSHSMRYFFTSVSRPGRGEPRFIAVGYVDDTQFVRFDSDAASQRMEPRAPWIEQEGPEYWDGETRKVKAHSQTHRVDLGT
LRGYYNQSEAGSHTVQRMYGCDVGSDWRFLRGYHQYAYDGKDYIALKEDLRSWTAADMAAQTTKHKWEAAHVAEQLRAYL
EGTCVEWLRRYLENGKETLQRTDAPKTHMTHHAVSDHEATLRCWALSFYPAEITLTWQRDGEDQTQDTELVETRPAGDGT
FQKWAAVVVPSGQEQRYTCHVQHEGLPKPLTLRWE
;
A,D
2 'polypeptide(L)'
;(MSE)IQRTPKIQVYSRHPAENGKSNFLNCYVSGFHPSDIEVDLLKNGERIEKVEHSDLSFSKDWSFYLLYYTEFTPTEK
DEYACRVNHVTLSQPKIVKWDRD(MSE)
;
B,E
3 'polypeptide(L)' (MSE)ILG(PRV)VF(PRQ)V C,F
#
# COMPACT_ATOMS: atom_id res chain seq x y z
N GLY A 1 1.63 -1.46 16.55
CA GLY A 1 1.18 -1.55 15.18
C GLY A 1 0.79 -2.97 14.80
N SER A 2 0.84 -3.27 13.50
CA SER A 2 0.44 -4.59 13.03
C SER A 2 1.58 -5.58 13.26
N HIS A 3 1.29 -6.88 13.13
CA HIS A 3 2.26 -7.91 13.45
C HIS A 3 2.14 -9.09 12.50
N SER A 4 3.19 -9.91 12.47
CA SER A 4 3.21 -11.08 11.61
C SER A 4 3.82 -12.29 12.32
N MET A 5 3.35 -13.47 11.95
CA MET A 5 4.04 -14.70 12.25
C MET A 5 4.37 -15.32 10.90
N ARG A 6 5.60 -15.78 10.76
CA ARG A 6 6.05 -16.39 9.52
C ARG A 6 6.92 -17.61 9.84
N TYR A 7 6.69 -18.69 9.10
CA TYR A 7 7.51 -19.89 9.21
C TYR A 7 8.22 -20.15 7.90
N PHE A 8 9.51 -20.43 8.00
CA PHE A 8 10.37 -20.62 6.85
C PHE A 8 10.94 -22.04 6.86
N PHE A 9 10.78 -22.77 5.76
CA PHE A 9 11.31 -24.13 5.66
C PHE A 9 12.18 -24.25 4.40
N THR A 10 13.39 -24.76 4.59
CA THR A 10 14.31 -25.04 3.49
C THR A 10 14.70 -26.51 3.49
N SER A 11 14.51 -27.17 2.37
CA SER A 11 14.90 -28.57 2.25
C SER A 11 15.80 -28.70 1.03
N VAL A 12 17.00 -29.27 1.22
CA VAL A 12 17.99 -29.39 0.17
C VAL A 12 18.39 -30.86 -0.01
N SER A 13 18.16 -31.40 -1.20
CA SER A 13 18.55 -32.78 -1.46
C SER A 13 20.07 -32.87 -1.45
N ARG A 14 20.58 -34.02 -1.02
CA ARG A 14 22.01 -34.29 -1.00
C ARG A 14 22.19 -35.74 -1.45
N PRO A 15 22.01 -36.00 -2.76
CA PRO A 15 22.02 -37.37 -3.29
C PRO A 15 23.28 -38.16 -2.91
N GLY A 16 23.10 -39.37 -2.39
CA GLY A 16 24.20 -40.21 -1.99
C GLY A 16 24.91 -39.69 -0.75
N ARG A 17 24.37 -38.64 -0.16
CA ARG A 17 24.95 -38.04 1.04
C ARG A 17 23.93 -37.99 2.17
N GLY A 18 23.07 -39.01 2.24
CA GLY A 18 22.06 -39.08 3.28
C GLY A 18 20.90 -38.13 3.02
N GLU A 19 19.84 -38.27 3.82
CA GLU A 19 18.67 -37.41 3.68
C GLU A 19 19.07 -35.96 3.44
N PRO A 20 18.19 -35.21 2.79
CA PRO A 20 18.44 -33.80 2.50
C PRO A 20 18.20 -32.92 3.73
N ARG A 21 19.08 -31.94 3.94
CA ARG A 21 18.95 -31.04 5.08
C ARG A 21 17.53 -30.53 5.23
N PHE A 22 17.23 -29.95 6.39
CA PHE A 22 15.90 -29.42 6.66
C PHE A 22 15.93 -28.38 7.77
N ILE A 23 16.22 -27.14 7.41
CA ILE A 23 16.29 -26.05 8.38
C ILE A 23 14.98 -25.27 8.42
N ALA A 24 14.32 -25.31 9.57
CA ALA A 24 13.04 -24.60 9.74
C ALA A 24 13.13 -23.56 10.83
N VAL A 25 12.60 -22.37 10.55
CA VAL A 25 12.61 -21.29 11.51
C VAL A 25 11.24 -20.61 11.62
N GLY A 26 10.95 -20.07 12.79
CA GLY A 26 9.75 -19.31 13.04
C GLY A 26 10.12 -17.94 13.53
N TYR A 27 9.39 -16.92 13.06
CA TYR A 27 9.64 -15.55 13.47
C TYR A 27 8.31 -14.94 13.94
N VAL A 28 8.37 -14.08 14.96
CA VAL A 28 7.30 -13.09 15.13
C VAL A 28 7.91 -11.74 14.78
N ASP A 29 7.25 -10.99 13.89
CA ASP A 29 7.84 -9.78 13.34
C ASP A 29 9.29 -10.04 12.91
N ASP A 30 10.25 -9.34 13.51
CA ASP A 30 11.65 -9.48 13.13
C ASP A 30 12.43 -10.31 14.15
N THR A 31 11.71 -11.01 15.03
CA THR A 31 12.33 -11.81 16.09
C THR A 31 12.14 -13.31 15.87
N GLN A 32 13.22 -14.07 15.69
CA GLN A 32 13.08 -15.52 15.59
C GLN A 32 12.78 -16.13 16.95
N PHE A 33 11.98 -17.19 17.00
CA PHE A 33 11.63 -17.79 18.29
C PHE A 33 11.71 -19.33 18.36
N VAL A 34 11.72 -20.01 17.21
CA VAL A 34 11.89 -21.48 17.18
C VAL A 34 12.73 -21.89 15.97
N ARG A 35 13.39 -23.05 16.08
CA ARG A 35 14.11 -23.63 14.97
C ARG A 35 13.99 -25.15 14.99
N PHE A 36 14.04 -25.76 13.82
CA PHE A 36 14.33 -27.19 13.69
C PHE A 36 15.47 -27.35 12.69
N ASP A 37 16.37 -28.29 12.97
CA ASP A 37 17.47 -28.58 12.07
C ASP A 37 17.62 -30.09 11.95
N SER A 38 17.28 -30.62 10.78
CA SER A 38 17.37 -32.06 10.49
C SER A 38 18.72 -32.66 10.88
N ASP A 39 19.76 -31.82 10.93
CA ASP A 39 21.11 -32.30 11.21
C ASP A 39 21.51 -32.19 12.67
N ALA A 40 20.75 -31.44 13.46
CA ALA A 40 21.12 -31.22 14.86
C ALA A 40 20.93 -32.47 15.70
N ALA A 41 21.42 -32.41 16.94
CA ALA A 41 21.39 -33.55 17.85
C ALA A 41 19.99 -33.90 18.34
N SER A 42 19.24 -32.87 18.73
CA SER A 42 18.01 -33.06 19.49
C SER A 42 16.88 -33.76 18.73
N GLN A 43 16.65 -33.36 17.48
CA GLN A 43 15.49 -33.80 16.71
C GLN A 43 14.21 -33.19 17.27
N ARG A 44 14.37 -32.05 17.93
CA ARG A 44 13.24 -31.35 18.50
C ARG A 44 13.14 -29.97 17.86
N MET A 45 11.91 -29.45 17.84
CA MET A 45 11.71 -28.03 17.67
C MET A 45 12.33 -27.38 18.90
N GLU A 46 13.16 -26.36 18.70
CA GLU A 46 13.89 -25.75 19.80
C GLU A 46 13.56 -24.27 19.96
N PRO A 47 13.55 -23.77 21.21
CA PRO A 47 13.36 -22.34 21.47
C PRO A 47 14.58 -21.54 21.04
N ARG A 48 14.34 -20.36 20.46
CA ARG A 48 15.42 -19.44 20.11
C ARG A 48 15.09 -18.05 20.59
N ALA A 49 14.12 -17.98 21.49
CA ALA A 49 13.70 -16.74 22.12
C ALA A 49 13.31 -17.03 23.56
N PRO A 50 13.94 -16.33 24.51
CA PRO A 50 13.69 -16.49 25.96
C PRO A 50 12.20 -16.56 26.31
N TRP A 51 11.35 -15.87 25.55
CA TRP A 51 9.93 -15.79 25.90
C TRP A 51 9.09 -16.99 25.44
N ILE A 52 9.75 -17.99 24.85
CA ILE A 52 9.04 -19.18 24.36
C ILE A 52 9.55 -20.44 25.06
N GLU A 53 10.66 -20.30 25.79
CA GLU A 53 11.33 -21.43 26.43
C GLU A 53 10.49 -22.18 27.45
N GLN A 54 9.61 -21.47 28.16
CA GLN A 54 8.81 -22.08 29.22
C GLN A 54 7.41 -22.42 28.75
N GLU A 55 7.27 -22.68 27.44
CA GLU A 55 5.98 -22.92 26.84
C GLU A 55 5.37 -24.25 27.30
N GLY A 56 6.20 -25.17 27.76
CA GLY A 56 5.70 -26.41 28.30
C GLY A 56 5.98 -27.61 27.43
N PRO A 57 5.81 -28.82 28.01
CA PRO A 57 6.03 -30.11 27.35
C PRO A 57 5.08 -30.35 26.18
N GLU A 58 3.80 -30.02 26.37
CA GLU A 58 2.78 -30.22 25.34
C GLU A 58 3.07 -29.38 24.08
N TYR A 59 3.53 -28.14 24.27
CA TYR A 59 3.86 -27.27 23.13
C TYR A 59 5.05 -27.81 22.36
N TRP A 60 6.09 -28.18 23.08
CA TRP A 60 7.33 -28.68 22.47
C TRP A 60 7.16 -30.03 21.79
N ASP A 61 6.36 -30.90 22.41
CA ASP A 61 6.03 -32.19 21.83
C ASP A 61 5.28 -32.07 20.49
N GLY A 62 4.26 -31.21 20.48
CA GLY A 62 3.43 -30.99 19.30
C GLY A 62 4.16 -30.31 18.16
N GLU A 63 4.87 -29.24 18.46
CA GLU A 63 5.67 -28.54 17.45
C GLU A 63 6.65 -29.49 16.78
N THR A 64 7.37 -30.27 17.60
CA THR A 64 8.33 -31.28 17.15
C THR A 64 7.68 -32.31 16.25
N ARG A 65 6.59 -32.90 16.74
CA ARG A 65 5.82 -33.86 15.98
C ARG A 65 5.50 -33.31 14.59
N LYS A 66 4.95 -32.10 14.55
CA LYS A 66 4.51 -31.51 13.28
C LYS A 66 5.66 -31.08 12.37
N VAL A 67 6.80 -30.70 12.94
CA VAL A 67 7.97 -30.33 12.14
C VAL A 67 8.70 -31.54 11.54
N LYS A 68 8.61 -32.69 12.20
CA LYS A 68 9.17 -33.93 11.64
C LYS A 68 8.35 -34.38 10.45
N ALA A 69 7.07 -34.01 10.49
CA ALA A 69 6.13 -34.29 9.41
C ALA A 69 6.37 -33.38 8.22
N HIS A 70 6.60 -32.09 8.47
CA HIS A 70 7.03 -31.16 7.44
C HIS A 70 8.29 -31.71 6.78
N SER A 71 9.29 -32.05 7.59
CA SER A 71 10.53 -32.63 7.12
C SER A 71 10.25 -33.74 6.10
N GLN A 72 9.46 -34.72 6.54
CA GLN A 72 9.12 -35.85 5.71
C GLN A 72 8.47 -35.40 4.40
N THR A 73 7.35 -34.70 4.50
CA THR A 73 6.65 -34.18 3.31
C THR A 73 7.59 -33.53 2.30
N HIS A 74 8.44 -32.64 2.78
CA HIS A 74 9.39 -31.93 1.93
C HIS A 74 10.43 -32.87 1.35
N ARG A 75 10.67 -33.97 2.05
CA ARG A 75 11.61 -34.96 1.58
C ARG A 75 11.06 -35.67 0.34
N VAL A 76 9.77 -35.97 0.37
CA VAL A 76 9.09 -36.57 -0.77
C VAL A 76 8.89 -35.55 -1.89
N ASP A 77 8.59 -34.31 -1.51
CA ASP A 77 8.41 -33.22 -2.46
C ASP A 77 9.60 -33.11 -3.40
N LEU A 78 10.80 -33.13 -2.81
CA LEU A 78 12.02 -33.07 -3.61
C LEU A 78 11.99 -34.14 -4.69
N GLY A 79 11.67 -35.36 -4.29
CA GLY A 79 11.55 -36.48 -5.21
C GLY A 79 10.51 -36.25 -6.28
N THR A 80 9.35 -35.73 -5.89
CA THR A 80 8.26 -35.47 -6.83
C THR A 80 8.62 -34.37 -7.83
N LEU A 81 9.37 -33.38 -7.37
CA LEU A 81 9.79 -32.25 -8.22
C LEU A 81 10.86 -32.64 -9.24
N ARG A 82 11.79 -33.51 -8.83
CA ARG A 82 12.78 -34.02 -9.74
C ARG A 82 12.09 -34.63 -10.97
N GLY A 83 11.05 -35.42 -10.71
CA GLY A 83 10.29 -36.06 -11.76
C GLY A 83 9.59 -35.06 -12.66
N TYR A 84 8.85 -34.14 -12.03
CA TYR A 84 8.10 -33.10 -12.75
C TYR A 84 9.00 -32.40 -13.77
N TYR A 85 10.23 -32.12 -13.35
CA TYR A 85 11.17 -31.34 -14.15
C TYR A 85 12.17 -32.22 -14.88
N ASN A 86 12.11 -33.51 -14.62
CA ASN A 86 12.89 -34.46 -15.36
C ASN A 86 14.37 -34.18 -15.17
N GLN A 87 14.74 -33.95 -13.92
CA GLN A 87 16.12 -33.69 -13.54
C GLN A 87 16.77 -34.98 -13.07
N SER A 88 18.08 -35.06 -13.20
CA SER A 88 18.84 -36.23 -12.77
C SER A 88 18.84 -36.40 -11.25
N GLU A 89 19.14 -37.61 -10.82
CA GLU A 89 19.08 -37.99 -9.41
C GLU A 89 20.39 -37.65 -8.71
N ALA A 90 21.34 -37.13 -9.47
CA ALA A 90 22.65 -36.78 -8.95
C ALA A 90 22.67 -35.34 -8.43
N GLY A 91 21.79 -34.50 -8.97
CA GLY A 91 21.79 -33.09 -8.62
C GLY A 91 21.16 -32.74 -7.28
N SER A 92 21.74 -31.75 -6.62
CA SER A 92 21.15 -31.18 -5.43
C SER A 92 20.19 -30.08 -5.83
N HIS A 93 18.97 -30.13 -5.29
CA HIS A 93 17.94 -29.15 -5.56
C HIS A 93 17.35 -28.66 -4.25
N THR A 94 16.77 -27.47 -4.30
CA THR A 94 16.29 -26.76 -3.12
C THR A 94 14.79 -26.52 -3.17
N VAL A 95 14.13 -26.86 -2.08
CA VAL A 95 12.72 -26.50 -1.92
C VAL A 95 12.58 -25.53 -0.75
N GLN A 96 11.74 -24.51 -0.94
CA GLN A 96 11.55 -23.50 0.06
C GLN A 96 10.08 -23.20 0.22
N ARG A 97 9.65 -23.13 1.48
N ARG A 97 9.64 -23.12 1.47
CA ARG A 97 8.25 -22.91 1.79
CA ARG A 97 8.25 -22.89 1.77
C ARG A 97 8.14 -21.85 2.89
C ARG A 97 8.13 -21.85 2.89
N MET A 98 7.28 -20.86 2.68
CA MET A 98 7.04 -19.84 3.67
C MET A 98 5.55 -19.70 3.84
N TYR A 99 5.08 -19.72 5.10
CA TYR A 99 3.69 -19.36 5.37
C TYR A 99 3.57 -18.49 6.61
N GLY A 100 2.40 -17.88 6.81
CA GLY A 100 2.21 -17.04 7.97
C GLY A 100 1.00 -16.14 7.89
N CYS A 101 0.88 -15.28 8.90
CA CYS A 101 -0.29 -14.46 9.09
C CYS A 101 0.08 -13.11 9.71
N ASP A 102 -0.63 -12.06 9.28
CA ASP A 102 -0.52 -10.75 9.89
C ASP A 102 -1.79 -10.44 10.65
N VAL A 103 -1.67 -9.59 11.67
CA VAL A 103 -2.83 -9.06 12.37
C VAL A 103 -2.68 -7.54 12.40
N GLY A 104 -3.80 -6.83 12.40
CA GLY A 104 -3.74 -5.38 12.42
C GLY A 104 -3.35 -4.85 13.78
N SER A 105 -3.44 -3.54 13.92
CA SER A 105 -3.20 -2.88 15.21
C SER A 105 -4.23 -3.32 16.26
N ASP A 106 -5.35 -3.88 15.80
CA ASP A 106 -6.37 -4.41 16.71
C ASP A 106 -6.12 -5.88 17.08
N TRP A 107 -5.12 -6.47 16.43
CA TRP A 107 -4.77 -7.87 16.67
C TRP A 107 -5.77 -8.84 16.05
N ARG A 108 -6.51 -8.38 15.05
CA ARG A 108 -7.39 -9.27 14.29
C ARG A 108 -6.82 -9.57 12.91
N PHE A 109 -7.02 -10.80 12.48
CA PHE A 109 -6.57 -11.26 11.17
C PHE A 109 -6.61 -10.16 10.12
N LEU A 110 -5.59 -10.11 9.28
CA LEU A 110 -5.43 -9.05 8.28
C LEU A 110 -5.11 -9.66 6.92
N ARG A 111 -4.29 -10.71 6.92
CA ARG A 111 -3.99 -11.49 5.73
C ARG A 111 -3.18 -12.72 6.10
N GLY A 112 -3.16 -13.70 5.21
CA GLY A 112 -2.31 -14.86 5.36
C GLY A 112 -1.59 -15.11 4.06
N TYR A 113 -0.66 -16.05 4.06
CA TYR A 113 0.13 -16.32 2.87
C TYR A 113 0.86 -17.66 2.97
N HIS A 114 1.01 -18.32 1.84
CA HIS A 114 1.61 -19.64 1.81
C HIS A 114 2.22 -19.79 0.43
N GLN A 115 3.55 -19.75 0.38
CA GLN A 115 4.29 -19.68 -0.87
C GLN A 115 5.31 -20.79 -0.90
N TYR A 116 5.66 -21.21 -2.12
N TYR A 116 5.65 -21.22 -2.12
CA TYR A 116 6.53 -22.35 -2.34
CA TYR A 116 6.54 -22.35 -2.32
C TYR A 116 7.48 -21.99 -3.48
C TYR A 116 7.48 -22.01 -3.48
N ALA A 117 8.74 -22.41 -3.37
CA ALA A 117 9.71 -22.21 -4.46
C ALA A 117 10.65 -23.39 -4.59
N TYR A 118 11.04 -23.69 -5.83
CA TYR A 118 11.95 -24.78 -6.16
C TYR A 118 13.14 -24.17 -6.86
N ASP A 119 14.33 -24.51 -6.39
CA ASP A 119 15.57 -23.94 -6.91
C ASP A 119 15.53 -22.41 -7.01
N GLY A 120 15.07 -21.77 -5.95
CA GLY A 120 15.11 -20.32 -5.85
C GLY A 120 14.20 -19.58 -6.79
N LYS A 121 13.20 -20.29 -7.33
CA LYS A 121 12.19 -19.67 -8.19
C LYS A 121 10.76 -19.98 -7.72
N ASP A 122 9.85 -19.04 -7.90
CA ASP A 122 8.44 -19.27 -7.58
C ASP A 122 7.95 -20.57 -8.20
N TYR A 123 7.34 -21.42 -7.39
CA TYR A 123 6.72 -22.64 -7.87
C TYR A 123 5.20 -22.49 -7.84
N ILE A 124 4.63 -22.36 -6.64
CA ILE A 124 3.20 -22.14 -6.48
C ILE A 124 2.86 -21.42 -5.17
N ALA A 125 1.81 -20.59 -5.19
CA ALA A 125 1.48 -19.75 -4.05
C ALA A 125 -0.02 -19.57 -3.88
N LEU A 126 -0.45 -19.50 -2.62
CA LEU A 126 -1.83 -19.15 -2.28
C LEU A 126 -2.09 -17.68 -2.62
N LYS A 127 -3.14 -17.41 -3.36
CA LYS A 127 -3.50 -16.02 -3.64
C LYS A 127 -4.07 -15.35 -2.39
N GLU A 128 -4.21 -14.03 -2.45
CA GLU A 128 -4.55 -13.21 -1.29
C GLU A 128 -5.93 -13.54 -0.72
N ASP A 129 -6.77 -14.16 -1.55
CA ASP A 129 -8.13 -14.59 -1.17
C ASP A 129 -8.18 -15.90 -0.38
N LEU A 130 -7.05 -16.61 -0.31
CA LEU A 130 -6.91 -17.87 0.44
C LEU A 130 -7.76 -19.03 -0.08
N ARG A 131 -8.19 -18.92 -1.33
CA ARG A 131 -9.05 -19.93 -1.92
C ARG A 131 -8.52 -20.34 -3.30
N SER A 132 -7.38 -19.78 -3.72
CA SER A 132 -6.89 -20.04 -5.07
C SER A 132 -5.37 -20.03 -5.16
N TRP A 133 -4.86 -20.50 -6.31
CA TRP A 133 -3.44 -20.73 -6.49
C TRP A 133 -2.89 -20.10 -7.77
N THR A 134 -1.63 -19.67 -7.71
CA THR A 134 -0.95 -19.12 -8.88
C THR A 134 0.30 -19.95 -9.14
N ALA A 135 0.28 -20.75 -10.20
CA ALA A 135 1.40 -21.65 -10.53
C ALA A 135 2.36 -21.01 -11.53
N ALA A 136 3.61 -20.82 -11.12
CA ALA A 136 4.61 -20.15 -11.94
C ALA A 136 4.74 -20.71 -13.36
N ASP A 137 4.63 -22.03 -13.51
CA ASP A 137 4.93 -22.68 -14.78
C ASP A 137 4.11 -23.93 -15.05
N MET A 138 4.44 -24.61 -16.15
CA MET A 138 3.69 -25.80 -16.59
C MET A 138 3.69 -26.90 -15.54
N ALA A 139 4.83 -27.05 -14.86
CA ALA A 139 5.00 -28.11 -13.87
C ALA A 139 4.20 -27.84 -12.61
N ALA A 140 4.11 -26.58 -12.22
CA ALA A 140 3.42 -26.21 -10.99
C ALA A 140 1.92 -26.30 -11.19
N GLN A 141 1.51 -26.48 -12.45
CA GLN A 141 0.11 -26.61 -12.83
C GLN A 141 -0.45 -27.92 -12.33
N THR A 142 0.39 -28.94 -12.35
CA THR A 142 0.03 -30.26 -11.84
C THR A 142 -0.28 -30.14 -10.35
N THR A 143 0.64 -29.52 -9.62
CA THR A 143 0.46 -29.25 -8.20
C THR A 143 -0.78 -28.39 -7.95
N LYS A 144 -1.00 -27.38 -8.78
CA LYS A 144 -2.17 -26.52 -8.64
C LYS A 144 -3.45 -27.36 -8.70
N HIS A 145 -3.57 -28.14 -9.78
CA HIS A 145 -4.71 -29.02 -9.96
C HIS A 145 -4.89 -29.96 -8.78
N LYS A 146 -3.81 -30.64 -8.39
CA LYS A 146 -3.82 -31.57 -7.27
C LYS A 146 -4.42 -30.97 -5.99
N TRP A 147 -4.01 -29.75 -5.66
CA TRP A 147 -4.38 -29.09 -4.40
C TRP A 147 -5.81 -28.56 -4.39
N GLU A 148 -6.27 -28.10 -5.54
CA GLU A 148 -7.65 -27.67 -5.72
C GLU A 148 -8.56 -28.88 -5.55
N ALA A 149 -8.11 -30.01 -6.08
CA ALA A 149 -8.88 -31.25 -5.97
C ALA A 149 -9.01 -31.66 -4.51
N ALA A 150 -7.88 -31.63 -3.79
CA ALA A 150 -7.81 -32.06 -2.40
C ALA A 150 -8.18 -30.98 -1.39
N HIS A 151 -8.62 -29.81 -1.88
CA HIS A 151 -9.06 -28.73 -1.00
C HIS A 151 -7.99 -28.25 -0.03
N VAL A 152 -6.81 -27.94 -0.57
CA VAL A 152 -5.71 -27.48 0.26
C VAL A 152 -5.91 -26.04 0.75
N ALA A 153 -6.33 -25.15 -0.13
CA ALA A 153 -6.55 -23.75 0.26
C ALA A 153 -7.38 -23.63 1.54
N GLU A 154 -8.46 -24.40 1.60
CA GLU A 154 -9.40 -24.35 2.73
C GLU A 154 -8.73 -24.74 4.04
N GLN A 155 -7.95 -25.81 4.02
CA GLN A 155 -7.27 -26.27 5.21
C GLN A 155 -6.24 -25.24 5.64
N LEU A 156 -5.75 -24.47 4.67
CA LEU A 156 -4.78 -23.41 4.92
C LEU A 156 -5.46 -22.15 5.44
N ARG A 157 -6.53 -21.74 4.77
CA ARG A 157 -7.31 -20.59 5.26
C ARG A 157 -7.73 -20.82 6.71
N ALA A 158 -8.07 -22.07 7.05
CA ALA A 158 -8.48 -22.43 8.40
C ALA A 158 -7.39 -22.19 9.42
N TYR A 159 -6.20 -22.71 9.12
CA TYR A 159 -5.03 -22.52 9.96
C TYR A 159 -4.67 -21.04 10.06
N LEU A 160 -4.56 -20.40 8.90
CA LEU A 160 -4.15 -18.99 8.82
C LEU A 160 -5.08 -18.04 9.57
N GLU A 161 -6.38 -18.32 9.52
CA GLU A 161 -7.38 -17.46 10.13
C GLU A 161 -7.69 -17.84 11.59
N GLY A 162 -7.15 -18.96 12.04
CA GLY A 162 -7.43 -19.44 13.38
C GLY A 162 -6.20 -19.69 14.24
N THR A 163 -5.53 -20.81 14.02
CA THR A 163 -4.42 -21.25 14.85
C THR A 163 -3.21 -20.33 14.71
N CYS A 164 -3.07 -19.72 13.54
CA CYS A 164 -1.94 -18.83 13.26
C CYS A 164 -2.05 -17.51 14.03
N VAL A 165 -3.10 -16.74 13.77
CA VAL A 165 -3.30 -15.45 14.42
C VAL A 165 -3.61 -15.62 15.90
N GLU A 166 -4.14 -16.77 16.26
CA GLU A 166 -4.42 -17.06 17.65
C GLU A 166 -3.14 -17.20 18.45
N TRP A 167 -2.13 -17.82 17.85
CA TRP A 167 -0.87 -18.02 18.55
C TRP A 167 0.03 -16.81 18.46
N LEU A 168 0.09 -16.19 17.28
CA LEU A 168 0.76 -14.91 17.14
C LEU A 168 0.37 -14.06 18.34
N ARG A 169 -0.93 -14.00 18.61
CA ARG A 169 -1.46 -13.23 19.74
C ARG A 169 -0.95 -13.72 21.09
N ARG A 170 -0.90 -15.03 21.29
CA ARG A 170 -0.38 -15.60 22.53
C ARG A 170 1.10 -15.26 22.70
N TYR A 171 1.84 -15.18 21.60
CA TYR A 171 3.28 -14.90 21.68
C TYR A 171 3.55 -13.43 21.98
N LEU A 172 2.77 -12.54 21.36
CA LEU A 172 2.89 -11.10 21.57
C LEU A 172 2.64 -10.73 23.03
N GLU A 173 1.92 -11.59 23.73
CA GLU A 173 1.65 -11.40 25.15
C GLU A 173 2.79 -12.01 25.97
N ASN A 174 3.15 -13.25 25.65
CA ASN A 174 4.22 -13.96 26.35
C ASN A 174 5.55 -13.21 26.27
N GLY A 175 5.73 -12.41 25.22
CA GLY A 175 6.97 -11.69 25.01
C GLY A 175 6.78 -10.20 24.74
N LYS A 176 5.74 -9.61 25.34
CA LYS A 176 5.44 -8.20 25.15
C LYS A 176 6.61 -7.24 25.39
N GLU A 177 7.50 -7.59 26.33
CA GLU A 177 8.65 -6.75 26.60
C GLU A 177 9.58 -6.76 25.38
N THR A 178 9.69 -7.93 24.75
CA THR A 178 10.54 -8.09 23.58
C THR A 178 9.79 -7.71 22.30
N LEU A 179 8.72 -8.43 22.01
CA LEU A 179 7.92 -8.18 20.82
C LEU A 179 7.34 -6.77 20.84
N GLN A 180 6.36 -6.55 21.71
CA GLN A 180 5.72 -5.25 21.84
C GLN A 180 6.71 -4.19 22.29
N ARG A 181 7.73 -3.93 21.47
CA ARG A 181 8.73 -2.94 21.79
C ARG A 181 9.26 -2.27 20.52
N THR A 182 9.94 -1.14 20.70
CA THR A 182 10.51 -0.39 19.58
C THR A 182 11.78 0.34 19.98
N ASP A 183 12.92 -0.18 19.55
CA ASP A 183 14.21 0.42 19.86
C ASP A 183 14.58 1.50 18.85
N ALA A 184 14.52 2.75 19.28
CA ALA A 184 14.84 3.88 18.41
C ALA A 184 16.31 3.81 17.96
N PRO A 185 16.55 4.14 16.70
CA PRO A 185 17.91 4.13 16.13
C PRO A 185 18.85 5.03 16.91
N LYS A 186 20.06 4.56 17.20
CA LYS A 186 21.08 5.43 17.76
C LYS A 186 21.92 5.94 16.61
N THR A 187 21.85 7.24 16.31
CA THR A 187 22.45 7.77 15.09
C THR A 187 23.76 8.56 15.29
N HIS A 188 24.59 8.56 14.27
CA HIS A 188 25.73 9.46 14.24
C HIS A 188 26.29 9.56 12.83
N MET A 189 27.13 10.55 12.60
CA MET A 189 27.75 10.75 11.31
C MET A 189 29.25 10.65 11.48
N THR A 190 29.90 10.04 10.50
CA THR A 190 31.35 9.97 10.50
C THR A 190 31.86 10.70 9.27
N HIS A 191 33.12 11.13 9.34
CA HIS A 191 33.73 11.85 8.24
C HIS A 191 35.11 11.23 8.00
N HIS A 192 35.35 10.80 6.77
N HIS A 192 35.35 10.77 6.77
CA HIS A 192 36.62 10.19 6.40
CA HIS A 192 36.64 10.19 6.41
C HIS A 192 37.11 10.71 5.05
C HIS A 192 37.12 10.69 5.06
N ALA A 193 38.32 11.24 5.03
CA ALA A 193 38.88 11.79 3.79
C ALA A 193 39.21 10.70 2.79
N VAL A 194 38.43 10.64 1.71
CA VAL A 194 38.69 9.72 0.61
C VAL A 194 39.99 10.10 -0.07
N SER A 195 39.99 11.26 -0.71
CA SER A 195 41.18 11.80 -1.34
C SER A 195 41.59 13.15 -0.73
N ASP A 196 42.43 13.89 -1.44
CA ASP A 196 42.88 15.19 -0.98
C ASP A 196 41.80 16.25 -1.17
N HIS A 197 40.75 15.90 -1.90
CA HIS A 197 39.67 16.86 -2.21
C HIS A 197 38.28 16.24 -2.11
N GLU A 198 38.20 15.06 -1.51
CA GLU A 198 36.91 14.40 -1.31
C GLU A 198 36.82 13.64 -0.01
N ALA A 199 35.62 13.64 0.56
CA ALA A 199 35.39 13.07 1.87
C ALA A 199 34.12 12.22 1.89
N THR A 200 34.15 11.15 2.68
CA THR A 200 32.97 10.31 2.87
C THR A 200 32.20 10.79 4.08
N LEU A 201 30.92 11.08 3.89
CA LEU A 201 30.01 11.30 5.00
C LEU A 201 29.13 10.04 5.13
N ARG A 202 29.31 9.30 6.23
CA ARG A 202 28.49 8.12 6.47
C ARG A 202 27.50 8.38 7.60
N CYS A 203 26.23 8.06 7.36
CA CYS A 203 25.18 8.22 8.38
C CYS A 203 24.77 6.87 8.98
N TRP A 204 24.84 6.76 10.30
CA TRP A 204 24.72 5.46 10.97
C TRP A 204 23.45 5.35 11.78
N ALA A 205 22.76 4.21 11.65
CA ALA A 205 21.63 3.87 12.52
C ALA A 205 21.94 2.55 13.21
N LEU A 206 21.92 2.55 14.54
CA LEU A 206 22.38 1.40 15.32
C LEU A 206 21.40 0.94 16.39
N SER A 207 21.44 -0.36 16.71
CA SER A 207 20.68 -0.87 17.84
C SER A 207 19.17 -0.52 17.75
N PHE A 208 18.60 -0.57 16.54
CA PHE A 208 17.18 -0.27 16.36
C PHE A 208 16.32 -1.53 16.18
N TYR A 209 15.03 -1.37 16.45
CA TYR A 209 14.04 -2.44 16.24
C TYR A 209 12.63 -1.82 16.17
N PRO A 210 11.80 -2.31 15.23
CA PRO A 210 12.09 -3.36 14.26
C PRO A 210 13.02 -2.91 13.14
N ALA A 211 13.22 -3.78 12.17
CA ALA A 211 14.25 -3.59 11.16
C ALA A 211 13.89 -2.53 10.15
N GLU A 212 12.59 -2.33 9.94
CA GLU A 212 12.12 -1.34 8.97
C GLU A 212 12.73 0.02 9.29
N ILE A 213 13.37 0.62 8.28
CA ILE A 213 14.01 1.93 8.44
C ILE A 213 14.30 2.58 7.08
N THR A 214 14.29 3.91 7.07
CA THR A 214 14.66 4.73 5.90
C THR A 214 15.81 5.70 6.22
N LEU A 215 16.89 5.61 5.45
CA LEU A 215 18.01 6.54 5.55
C LEU A 215 18.20 7.23 4.21
N THR A 216 18.14 8.55 4.20
CA THR A 216 18.30 9.30 2.95
C THR A 216 19.27 10.46 3.12
N TRP A 217 20.14 10.64 2.13
CA TRP A 217 21.01 11.82 2.08
C TRP A 217 20.42 12.87 1.15
N GLN A 218 20.60 14.14 1.50
CA GLN A 218 20.19 15.20 0.60
C GLN A 218 21.32 16.19 0.41
N ARG A 219 21.32 16.87 -0.74
CA ARG A 219 22.22 17.99 -0.94
C ARG A 219 21.38 19.23 -1.22
N ASP A 220 21.45 20.18 -0.29
CA ASP A 220 20.64 21.40 -0.36
C ASP A 220 19.15 21.07 -0.40
N GLY A 221 18.81 19.89 0.07
CA GLY A 221 17.42 19.48 0.19
C GLY A 221 16.94 18.61 -0.94
N GLU A 222 17.85 18.22 -1.84
CA GLU A 222 17.51 17.38 -2.98
C GLU A 222 18.07 15.96 -2.86
N ASP A 223 17.20 14.97 -2.69
CA ASP A 223 17.62 13.58 -2.49
C ASP A 223 18.74 13.14 -3.43
N GLN A 224 19.76 12.54 -2.85
CA GLN A 224 20.94 12.08 -3.57
C GLN A 224 20.81 10.58 -3.79
N THR A 225 19.59 10.09 -3.70
CA THR A 225 19.29 8.67 -3.85
C THR A 225 20.24 7.95 -4.85
N GLN A 226 20.48 8.55 -6.00
CA GLN A 226 21.31 7.89 -7.00
C GLN A 226 22.82 7.95 -6.74
N ASP A 227 23.23 8.83 -5.83
CA ASP A 227 24.63 9.00 -5.49
C ASP A 227 24.92 8.62 -4.05
N THR A 228 24.05 7.78 -3.49
CA THR A 228 24.23 7.30 -2.14
C THR A 228 24.57 5.81 -2.17
N GLU A 229 25.49 5.40 -1.30
CA GLU A 229 25.73 3.98 -1.05
C GLU A 229 24.96 3.55 0.19
N LEU A 230 23.95 2.72 -0.01
CA LEU A 230 23.19 2.16 1.09
C LEU A 230 23.71 0.72 1.32
N VAL A 231 23.74 0.26 2.58
CA VAL A 231 23.95 -1.16 2.83
C VAL A 231 22.63 -1.76 3.26
N GLU A 232 22.49 -3.07 3.06
CA GLU A 232 21.33 -3.78 3.60
C GLU A 232 21.29 -3.67 5.11
N THR A 233 20.09 -3.50 5.64
CA THR A 233 19.83 -3.57 7.06
C THR A 233 20.29 -4.93 7.57
N ARG A 234 21.11 -4.92 8.62
CA ARG A 234 21.75 -6.14 9.09
C ARG A 234 21.48 -6.40 10.56
N PRO A 235 21.44 -7.68 10.96
CA PRO A 235 21.27 -8.06 12.37
C PRO A 235 22.52 -7.72 13.17
N ALA A 236 22.33 -7.17 14.36
CA ALA A 236 23.44 -6.92 15.25
C ALA A 236 23.85 -8.19 16.00
N GLY A 237 22.99 -9.21 15.99
CA GLY A 237 23.21 -10.41 16.77
C GLY A 237 22.49 -10.44 18.13
N ASP A 238 21.93 -9.31 18.55
CA ASP A 238 21.27 -9.19 19.87
C ASP A 238 19.80 -8.83 19.75
N GLY A 239 19.25 -9.06 18.57
CA GLY A 239 17.85 -8.76 18.33
C GLY A 239 17.61 -7.39 17.72
N THR A 240 18.64 -6.56 17.64
CA THR A 240 18.52 -5.24 17.03
C THR A 240 19.17 -5.21 15.66
N PHE A 241 18.92 -4.16 14.90
CA PHE A 241 19.44 -4.08 13.56
C PHE A 241 20.38 -2.89 13.36
N GLN A 242 21.04 -2.86 12.22
CA GLN A 242 21.98 -1.79 11.89
C GLN A 242 21.78 -1.38 10.44
N LYS A 243 22.14 -0.15 10.11
CA LYS A 243 22.19 0.26 8.71
C LYS A 243 23.03 1.53 8.56
N TRP A 244 23.56 1.76 7.36
CA TRP A 244 24.21 3.02 7.04
C TRP A 244 24.02 3.43 5.59
N ALA A 245 24.12 4.72 5.35
CA ALA A 245 24.07 5.31 4.02
C ALA A 245 25.27 6.25 3.98
N ALA A 246 26.02 6.23 2.88
CA ALA A 246 27.18 7.12 2.77
C ALA A 246 27.16 7.90 1.45
N VAL A 247 27.60 9.16 1.50
CA VAL A 247 27.83 9.92 0.27
C VAL A 247 29.28 10.36 0.20
N VAL A 248 29.71 10.65 -1.02
CA VAL A 248 30.98 11.34 -1.21
C VAL A 248 30.69 12.82 -1.39
N VAL A 249 31.41 13.63 -0.65
CA VAL A 249 31.24 15.06 -0.69
C VAL A 249 32.53 15.65 -1.24
N PRO A 250 32.42 16.71 -2.06
CA PRO A 250 33.65 17.45 -2.37
C PRO A 250 34.05 18.21 -1.11
N SER A 251 35.28 18.00 -0.63
CA SER A 251 35.72 18.63 0.62
C SER A 251 35.41 20.12 0.61
N GLY A 252 34.73 20.58 1.66
CA GLY A 252 34.28 21.95 1.73
C GLY A 252 32.78 22.09 1.60
N GLN A 253 32.14 21.11 0.94
CA GLN A 253 30.70 21.18 0.71
C GLN A 253 29.90 20.45 1.79
N GLU A 254 30.58 19.90 2.79
CA GLU A 254 29.98 19.12 3.88
C GLU A 254 28.69 19.72 4.43
N GLN A 255 28.60 21.04 4.39
CA GLN A 255 27.48 21.76 4.98
C GLN A 255 26.19 21.61 4.16
N ARG A 256 26.31 21.38 2.86
CA ARG A 256 25.14 21.24 1.99
C ARG A 256 24.35 19.96 2.26
N TYR A 257 25.03 18.96 2.85
CA TYR A 257 24.46 17.64 3.05
C TYR A 257 23.83 17.41 4.41
N THR A 258 22.71 16.70 4.39
CA THR A 258 22.01 16.28 5.59
C THR A 258 21.66 14.81 5.45
N CYS A 259 21.62 14.10 6.57
CA CYS A 259 21.11 12.75 6.56
C CYS A 259 19.79 12.73 7.32
N HIS A 260 18.82 11.99 6.81
CA HIS A 260 17.51 11.89 7.42
C HIS A 260 17.17 10.46 7.81
N VAL A 261 16.68 10.27 9.03
CA VAL A 261 16.35 8.95 9.53
C VAL A 261 14.87 8.88 9.83
N GLN A 262 14.20 7.87 9.28
CA GLN A 262 12.81 7.59 9.64
C GLN A 262 12.69 6.21 10.24
N HIS A 263 12.19 6.15 11.47
CA HIS A 263 11.98 4.89 12.13
C HIS A 263 10.74 4.99 13.03
N GLU A 264 10.11 3.83 13.23
CA GLU A 264 8.92 3.66 14.04
C GLU A 264 9.05 4.23 15.45
N GLY A 265 10.25 4.08 16.03
CA GLY A 265 10.49 4.45 17.42
C GLY A 265 10.93 5.88 17.65
N LEU A 266 11.14 6.64 16.56
CA LEU A 266 11.46 8.08 16.66
C LEU A 266 10.17 8.89 16.66
N PRO A 267 10.05 9.84 17.61
CA PRO A 267 8.87 10.71 17.62
C PRO A 267 8.81 11.48 16.31
N LYS A 268 9.95 12.02 15.90
CA LYS A 268 10.05 12.75 14.65
C LYS A 268 11.29 12.29 13.92
N PRO A 269 11.20 12.15 12.57
CA PRO A 269 12.38 11.84 11.76
C PRO A 269 13.52 12.81 12.06
N LEU A 270 14.74 12.29 12.19
CA LEU A 270 15.90 13.09 12.52
C LEU A 270 16.59 13.63 11.27
N THR A 271 17.07 14.87 11.37
CA THR A 271 17.99 15.39 10.38
C THR A 271 19.37 15.56 11.01
N LEU A 272 20.38 14.98 10.37
CA LEU A 272 21.73 15.15 10.85
C LEU A 272 22.52 15.92 9.79
N ARG A 273 23.41 16.78 10.25
CA ARG A 273 24.28 17.51 9.35
C ARG A 273 25.70 17.38 9.86
N TRP A 274 26.68 17.43 8.97
CA TRP A 274 28.04 17.56 9.45
C TRP A 274 28.26 19.02 9.75
N GLU A 275 28.17 19.38 11.03
CA GLU A 275 28.28 20.78 11.44
C GLU A 275 28.07 20.92 12.96
N ILE B 2 19.25 -21.41 -10.89
CA ILE B 2 19.39 -20.08 -10.33
C ILE B 2 20.61 -19.99 -9.41
N GLN B 3 21.40 -18.93 -9.58
CA GLN B 3 22.59 -18.72 -8.77
C GLN B 3 22.77 -17.25 -8.41
N ARG B 4 22.65 -16.94 -7.13
CA ARG B 4 22.79 -15.57 -6.65
C ARG B 4 24.07 -15.41 -5.82
N THR B 5 24.77 -14.31 -6.04
CA THR B 5 26.01 -14.04 -5.32
C THR B 5 25.75 -13.45 -3.94
N PRO B 6 26.42 -14.00 -2.92
CA PRO B 6 26.31 -13.48 -1.56
C PRO B 6 26.81 -12.06 -1.46
N LYS B 7 26.04 -11.22 -0.78
CA LYS B 7 26.55 -9.95 -0.33
C LYS B 7 27.21 -10.26 1.02
N ILE B 8 28.24 -9.50 1.37
CA ILE B 8 29.04 -9.81 2.56
C ILE B 8 29.30 -8.54 3.34
N GLN B 9 29.01 -8.56 4.64
CA GLN B 9 29.34 -7.43 5.51
C GLN B 9 30.08 -7.91 6.75
N VAL B 10 31.16 -7.22 7.10
CA VAL B 10 31.94 -7.57 8.29
C VAL B 10 31.89 -6.42 9.28
N TYR B 11 31.39 -6.69 10.48
CA TYR B 11 31.11 -5.63 11.45
C TYR B 11 30.96 -6.20 12.86
N SER B 12 31.10 -5.31 13.85
CA SER B 12 30.96 -5.67 15.25
C SER B 12 29.54 -5.43 15.74
N ARG B 13 29.13 -6.13 16.80
CA ARG B 13 27.82 -5.94 17.40
C ARG B 13 27.65 -4.57 18.06
N HIS B 14 28.64 -4.14 18.85
CA HIS B 14 28.66 -2.80 19.45
C HIS B 14 29.82 -2.03 18.86
N PRO B 15 29.89 -0.71 19.09
CA PRO B 15 31.06 0.05 18.63
C PRO B 15 32.37 -0.55 19.15
N ALA B 16 33.38 -0.65 18.30
CA ALA B 16 34.64 -1.26 18.68
C ALA B 16 35.44 -0.42 19.68
N GLU B 17 35.46 -0.88 20.92
CA GLU B 17 36.24 -0.23 21.97
C GLU B 17 37.33 -1.19 22.40
N ASN B 18 38.58 -0.78 22.21
CA ASN B 18 39.70 -1.66 22.47
C ASN B 18 39.67 -2.14 23.91
N GLY B 19 39.99 -3.42 24.10
CA GLY B 19 39.98 -4.02 25.42
C GLY B 19 38.61 -4.29 26.00
N LYS B 20 37.56 -4.17 25.18
CA LYS B 20 36.21 -4.50 25.65
C LYS B 20 35.56 -5.64 24.85
N SER B 21 34.94 -6.58 25.58
CA SER B 21 34.24 -7.71 24.97
C SER B 21 33.13 -7.31 24.00
N ASN B 22 33.10 -8.01 22.87
CA ASN B 22 32.24 -7.62 21.76
C ASN B 22 31.99 -8.86 20.92
N PHE B 23 31.25 -8.69 19.83
CA PHE B 23 30.98 -9.80 18.93
C PHE B 23 31.35 -9.40 17.51
N LEU B 24 32.06 -10.29 16.80
CA LEU B 24 32.48 -10.04 15.42
C LEU B 24 31.56 -10.77 14.45
N ASN B 25 30.81 -10.00 13.66
CA ASN B 25 29.80 -10.55 12.76
C ASN B 25 30.27 -10.65 11.31
N CYS B 26 29.78 -11.67 10.62
CA CYS B 26 29.82 -11.71 9.17
C CYS B 26 28.45 -12.12 8.64
N TYR B 27 27.80 -11.16 8.02
CA TYR B 27 26.46 -11.32 7.47
C TYR B 27 26.56 -11.53 5.97
N VAL B 28 26.18 -12.72 5.52
CA VAL B 28 26.13 -13.06 4.11
C VAL B 28 24.66 -13.15 3.73
N SER B 29 24.29 -12.50 2.64
CA SER B 29 22.89 -12.46 2.26
C SER B 29 22.69 -12.44 0.76
N GLY B 30 21.46 -12.65 0.32
CA GLY B 30 21.12 -12.62 -1.09
C GLY B 30 21.70 -13.74 -1.95
N PHE B 31 22.07 -14.86 -1.34
CA PHE B 31 22.70 -15.96 -2.07
C PHE B 31 21.80 -17.18 -2.35
N HIS B 32 22.15 -17.92 -3.40
CA HIS B 32 21.40 -19.10 -3.81
C HIS B 32 22.30 -19.91 -4.74
N PRO B 33 22.40 -21.23 -4.53
CA PRO B 33 21.79 -22.07 -3.50
C PRO B 33 22.34 -21.79 -2.09
N SER B 34 21.90 -22.57 -1.10
CA SER B 34 22.29 -22.32 0.29
C SER B 34 23.68 -22.82 0.71
N ASP B 35 24.31 -23.67 -0.09
CA ASP B 35 25.66 -24.15 0.20
C ASP B 35 26.70 -23.01 0.22
N ILE B 36 27.17 -22.66 1.41
CA ILE B 36 28.06 -21.51 1.55
C ILE B 36 29.10 -21.79 2.62
N GLU B 37 30.32 -21.32 2.36
CA GLU B 37 31.43 -21.49 3.29
C GLU B 37 31.83 -20.12 3.82
N VAL B 38 31.60 -19.92 5.11
CA VAL B 38 31.99 -18.67 5.75
C VAL B 38 32.95 -18.93 6.92
N ASP B 39 34.06 -18.21 6.91
CA ASP B 39 35.05 -18.26 7.99
C ASP B 39 35.34 -16.85 8.50
N LEU B 40 35.47 -16.73 9.82
CA LEU B 40 35.97 -15.49 10.40
C LEU B 40 37.45 -15.66 10.67
N LEU B 41 38.24 -14.64 10.33
CA LEU B 41 39.70 -14.75 10.42
C LEU B 41 40.28 -13.70 11.36
N LYS B 42 41.25 -14.12 12.18
CA LYS B 42 42.00 -13.23 13.04
C LYS B 42 43.45 -13.23 12.56
N ASN B 43 43.89 -12.12 11.96
CA ASN B 43 45.23 -12.05 11.42
C ASN B 43 45.53 -13.20 10.46
N GLY B 44 44.64 -13.43 9.48
CA GLY B 44 44.91 -14.43 8.46
C GLY B 44 44.49 -15.84 8.78
N GLU B 45 44.47 -16.18 10.06
CA GLU B 45 44.11 -17.54 10.50
C GLU B 45 42.61 -17.73 10.71
N ARG B 46 42.14 -18.95 10.50
CA ARG B 46 40.73 -19.29 10.69
C ARG B 46 40.34 -19.36 12.17
N ILE B 47 39.32 -18.60 12.56
CA ILE B 47 38.81 -18.63 13.93
C ILE B 47 37.98 -19.91 14.14
N GLU B 48 38.04 -20.48 15.33
CA GLU B 48 37.40 -21.77 15.60
C GLU B 48 36.04 -21.68 16.30
N LYS B 49 35.96 -20.86 17.35
CA LYS B 49 34.71 -20.69 18.11
C LYS B 49 33.71 -19.78 17.39
N VAL B 50 33.33 -20.16 16.16
CA VAL B 50 32.38 -19.38 15.36
C VAL B 50 31.02 -20.06 15.24
N GLU B 51 29.96 -19.30 15.42
CA GLU B 51 28.60 -19.81 15.34
C GLU B 51 27.88 -19.12 14.21
N HIS B 52 26.74 -19.67 13.82
CA HIS B 52 25.91 -19.01 12.82
C HIS B 52 24.43 -19.17 13.13
N SER B 53 23.65 -18.17 12.71
CA SER B 53 22.20 -18.18 12.81
C SER B 53 21.62 -19.31 11.99
N ASP B 54 20.31 -19.53 12.15
CA ASP B 54 19.65 -20.60 11.40
C ASP B 54 19.28 -20.06 10.04
N LEU B 55 19.48 -20.88 9.01
CA LEU B 55 19.19 -20.50 7.63
C LEU B 55 17.76 -19.98 7.46
N SER B 56 17.64 -18.76 6.98
CA SER B 56 16.34 -18.24 6.64
C SER B 56 16.50 -17.60 5.26
N PHE B 57 15.46 -16.96 4.75
CA PHE B 57 15.57 -16.39 3.41
C PHE B 57 14.69 -15.16 3.25
N SER B 58 14.98 -14.39 2.21
CA SER B 58 14.31 -13.11 1.98
C SER B 58 13.13 -13.28 1.04
N LYS B 59 12.49 -12.17 0.70
CA LYS B 59 11.30 -12.19 -0.14
C LYS B 59 11.57 -12.75 -1.54
N ASP B 60 12.81 -12.61 -2.00
CA ASP B 60 13.19 -13.14 -3.32
C ASP B 60 13.72 -14.55 -3.26
N TRP B 61 13.51 -15.20 -2.12
CA TRP B 61 13.94 -16.59 -1.86
C TRP B 61 15.44 -16.76 -1.57
N SER B 62 16.23 -15.70 -1.81
CA SER B 62 17.67 -15.74 -1.57
C SER B 62 17.97 -15.86 -0.07
N PHE B 63 19.00 -16.62 0.26
CA PHE B 63 19.24 -17.02 1.64
C PHE B 63 20.10 -16.02 2.40
N TYR B 64 20.01 -16.02 3.73
CA TYR B 64 20.88 -15.18 4.55
C TYR B 64 21.29 -15.89 5.83
N LEU B 65 22.52 -15.67 6.26
CA LEU B 65 23.07 -16.23 7.49
C LEU B 65 23.89 -15.17 8.21
N LEU B 66 23.86 -15.16 9.53
CA LEU B 66 24.83 -14.38 10.29
C LEU B 66 25.84 -15.28 10.98
N TYR B 67 27.12 -15.12 10.64
CA TYR B 67 28.19 -15.76 11.38
C TYR B 67 28.74 -14.78 12.44
N TYR B 68 29.01 -15.28 13.66
CA TYR B 68 29.41 -14.40 14.76
C TYR B 68 30.35 -15.07 15.71
N THR B 69 31.12 -14.25 16.43
CA THR B 69 32.07 -14.78 17.41
C THR B 69 32.45 -13.73 18.44
N GLU B 70 32.65 -14.18 19.67
CA GLU B 70 33.00 -13.25 20.73
C GLU B 70 34.42 -12.76 20.52
N PHE B 71 34.64 -11.48 20.79
CA PHE B 71 36.00 -10.98 20.66
C PHE B 71 36.21 -9.63 21.34
N THR B 72 37.48 -9.30 21.52
CA THR B 72 37.92 -8.09 22.18
C THR B 72 38.85 -7.38 21.22
N PRO B 73 38.36 -6.31 20.57
CA PRO B 73 39.21 -5.59 19.63
C PRO B 73 40.52 -5.15 20.28
N THR B 74 41.60 -5.14 19.51
CA THR B 74 42.84 -4.49 19.93
C THR B 74 43.24 -3.52 18.82
N GLU B 75 44.22 -2.67 19.11
CA GLU B 75 44.67 -1.65 18.15
C GLU B 75 45.45 -2.26 16.98
N LYS B 76 45.84 -3.52 17.12
CA LYS B 76 46.74 -4.13 16.15
C LYS B 76 46.16 -5.36 15.43
N ASP B 77 45.22 -6.06 16.07
CA ASP B 77 44.64 -7.26 15.47
C ASP B 77 43.74 -6.95 14.27
N GLU B 78 44.03 -7.59 13.14
CA GLU B 78 43.22 -7.45 11.96
C GLU B 78 42.23 -8.61 11.90
N TYR B 79 41.01 -8.33 11.42
CA TYR B 79 39.96 -9.35 11.32
C TYR B 79 39.30 -9.32 9.93
N ALA B 80 38.99 -10.49 9.38
CA ALA B 80 38.32 -10.54 8.08
C ALA B 80 37.33 -11.70 7.95
N CYS B 81 36.46 -11.61 6.95
CA CYS B 81 35.53 -12.68 6.62
C CYS B 81 35.91 -13.29 5.26
N ARG B 82 36.02 -14.61 5.21
CA ARG B 82 36.24 -15.30 3.95
C ARG B 82 35.05 -16.15 3.51
N VAL B 83 34.52 -15.83 2.34
CA VAL B 83 33.32 -16.48 1.84
C VAL B 83 33.55 -17.21 0.51
N ASN B 84 33.23 -18.49 0.48
CA ASN B 84 33.21 -19.22 -0.78
C ASN B 84 31.82 -19.69 -1.14
N HIS B 85 31.50 -19.61 -2.42
CA HIS B 85 30.17 -19.94 -2.92
C HIS B 85 30.31 -20.29 -4.41
N VAL B 86 29.45 -21.16 -4.92
CA VAL B 86 29.57 -21.64 -6.30
C VAL B 86 29.64 -20.52 -7.33
N THR B 87 29.19 -19.33 -6.96
CA THR B 87 29.13 -18.17 -7.85
C THR B 87 30.44 -17.35 -7.83
N LEU B 88 31.26 -17.54 -6.81
CA LEU B 88 32.55 -16.86 -6.71
C LEU B 88 33.64 -17.70 -7.36
N SER B 89 34.45 -17.08 -8.22
CA SER B 89 35.54 -17.79 -8.92
C SER B 89 36.67 -18.17 -7.97
N GLN B 90 36.77 -17.45 -6.86
CA GLN B 90 37.69 -17.81 -5.79
C GLN B 90 37.10 -17.32 -4.45
N PRO B 91 37.62 -17.84 -3.33
CA PRO B 91 37.05 -17.40 -2.04
C PRO B 91 37.25 -15.92 -1.84
N LYS B 92 36.19 -15.22 -1.40
CA LYS B 92 36.27 -13.79 -1.21
C LYS B 92 36.64 -13.42 0.21
N ILE B 93 37.58 -12.48 0.35
CA ILE B 93 37.95 -11.98 1.66
C ILE B 93 37.56 -10.52 1.79
N VAL B 94 36.83 -10.13 2.86
CA VAL B 94 36.45 -8.77 3.25
C VAL B 94 36.98 -8.47 4.64
N LYS B 95 37.91 -7.52 4.73
CA LYS B 95 38.46 -7.11 6.02
C LYS B 95 37.40 -6.42 6.88
N TRP B 96 37.64 -6.39 8.20
CA TRP B 96 36.76 -5.67 9.10
C TRP B 96 37.28 -4.24 9.27
N ASP B 97 36.49 -3.28 8.81
CA ASP B 97 36.84 -1.88 9.01
C ASP B 97 35.97 -1.30 10.12
N ARG B 98 36.60 -0.87 11.21
CA ARG B 98 35.89 -0.30 12.34
C ARG B 98 35.46 1.13 12.05
N ASP B 99 36.10 1.77 11.07
CA ASP B 99 35.77 3.13 10.70
C ASP B 99 36.16 3.41 9.26
N ILE C 2 3.07 -23.90 14.33
CA ILE C 2 3.04 -24.24 12.90
C ILE C 2 1.82 -25.04 12.46
N LEU C 3 1.77 -25.28 11.15
CA LEU C 3 0.74 -26.06 10.49
C LEU C 3 0.84 -27.52 10.88
N GLY C 4 -0.31 -28.16 11.10
CA GLY C 4 -0.33 -29.58 11.39
C GLY C 4 0.42 -30.38 10.33
N VAL C 6 -1.29 -33.02 7.56
CA VAL C 6 -0.98 -33.68 6.29
C VAL C 6 -0.45 -32.73 5.21
N PHE C 7 -0.30 -33.24 4.00
CA PHE C 7 -0.02 -32.39 2.85
C PHE C 7 -0.02 -33.14 1.51
N VAL C 9 3.35 -31.79 -3.07
CA VAL C 9 3.18 -31.12 -4.36
C VAL C 9 2.94 -32.08 -5.51
N GLY D 1 -4.56 -4.22 -4.62
CA GLY D 1 -3.77 -3.18 -5.26
C GLY D 1 -3.41 -2.12 -4.26
N SER D 2 -3.32 -0.87 -4.71
CA SER D 2 -3.03 0.22 -3.79
C SER D 2 -4.32 0.94 -3.37
N HIS D 3 -4.26 1.65 -2.24
CA HIS D 3 -5.42 2.38 -1.73
C HIS D 3 -5.06 3.80 -1.38
N SER D 4 -6.07 4.59 -1.02
CA SER D 4 -5.86 5.98 -0.67
C SER D 4 -6.95 6.51 0.24
N MET D 5 -6.59 7.45 1.11
CA MET D 5 -7.56 8.15 1.92
C MET D 5 -7.42 9.65 1.61
N ARG D 6 -8.55 10.32 1.40
CA ARG D 6 -8.56 11.71 0.99
C ARG D 6 -9.71 12.39 1.66
N TYR D 7 -9.50 13.67 1.99
CA TYR D 7 -10.53 14.54 2.53
C TYR D 7 -10.68 15.75 1.62
N PHE D 8 -11.93 16.09 1.30
CA PHE D 8 -12.29 17.21 0.42
C PHE D 8 -13.11 18.26 1.20
N PHE D 9 -12.71 19.52 1.14
CA PHE D 9 -13.34 20.59 1.91
C PHE D 9 -13.71 21.74 0.98
N THR D 10 -14.94 22.20 1.09
CA THR D 10 -15.42 23.30 0.26
C THR D 10 -15.99 24.40 1.16
N SER D 11 -15.57 25.64 0.92
CA SER D 11 -16.11 26.78 1.64
C SER D 11 -16.50 27.92 0.69
N VAL D 12 -17.72 28.42 0.82
CA VAL D 12 -18.21 29.51 -0.01
C VAL D 12 -18.75 30.65 0.85
N SER D 13 -18.20 31.85 0.65
CA SER D 13 -18.63 33.01 1.41
C SER D 13 -20.00 33.51 0.95
N ARG D 14 -20.88 33.75 1.91
CA ARG D 14 -22.23 34.22 1.61
C ARG D 14 -22.42 35.67 2.03
N PRO D 15 -21.94 36.59 1.20
CA PRO D 15 -22.04 38.03 1.48
C PRO D 15 -23.37 38.37 2.14
N GLY D 16 -23.29 38.91 3.36
CA GLY D 16 -24.49 39.28 4.10
C GLY D 16 -25.49 38.14 4.20
N ARG D 17 -25.08 36.96 3.74
CA ARG D 17 -25.94 35.79 3.78
C ARG D 17 -25.42 34.76 4.79
N GLY D 18 -25.35 35.16 6.05
CA GLY D 18 -24.88 34.28 7.11
C GLY D 18 -23.46 33.80 6.87
N GLU D 19 -22.95 33.02 7.81
CA GLU D 19 -21.59 32.48 7.70
C GLU D 19 -21.40 31.73 6.39
N PRO D 20 -20.15 31.52 6.01
CA PRO D 20 -19.82 30.82 4.77
C PRO D 20 -20.15 29.33 4.86
N ARG D 21 -20.59 28.75 3.75
CA ARG D 21 -20.94 27.34 3.71
C ARG D 21 -19.70 26.46 3.74
N PHE D 22 -19.68 25.50 4.66
CA PHE D 22 -18.54 24.59 4.80
C PHE D 22 -18.98 23.14 4.65
N ILE D 23 -18.42 22.46 3.65
CA ILE D 23 -18.74 21.07 3.40
C ILE D 23 -17.49 20.21 3.38
N ALA D 24 -17.49 19.14 4.18
CA ALA D 24 -16.34 18.24 4.26
C ALA D 24 -16.76 16.80 4.01
N VAL D 25 -15.99 16.10 3.17
CA VAL D 25 -16.28 14.72 2.84
C VAL D 25 -15.00 13.88 2.87
N GLY D 26 -15.08 12.69 3.44
CA GLY D 26 -13.94 11.80 3.55
C GLY D 26 -14.14 10.53 2.76
N TYR D 27 -13.10 10.07 2.06
CA TYR D 27 -13.16 8.86 1.25
C TYR D 27 -11.98 7.94 1.52
N VAL D 28 -12.23 6.65 1.49
CA VAL D 28 -11.17 5.67 1.30
C VAL D 28 -11.42 5.14 -0.11
N ASP D 29 -10.45 5.35 -1.00
CA ASP D 29 -10.66 5.05 -2.41
C ASP D 29 -11.90 5.78 -2.92
N ASP D 30 -12.87 5.02 -3.43
CA ASP D 30 -14.07 5.62 -4.02
C ASP D 30 -15.28 5.48 -3.11
N THR D 31 -15.03 5.18 -1.84
CA THR D 31 -16.10 5.02 -0.87
C THR D 31 -16.02 6.08 0.23
N GLN D 32 -17.16 6.69 0.55
CA GLN D 32 -17.21 7.71 1.57
C GLN D 32 -17.67 7.13 2.91
N PHE D 33 -17.17 7.72 4.00
CA PHE D 33 -17.52 7.25 5.35
C PHE D 33 -17.86 8.42 6.26
N VAL D 34 -17.33 9.60 5.93
CA VAL D 34 -17.57 10.80 6.72
C VAL D 34 -18.20 11.90 5.89
N ARG D 35 -18.70 12.94 6.56
CA ARG D 35 -19.32 14.06 5.88
C ARG D 35 -19.85 15.08 6.88
N PHE D 36 -19.41 16.33 6.75
CA PHE D 36 -19.84 17.39 7.66
C PHE D 36 -20.41 18.57 6.87
N ASP D 37 -21.54 19.08 7.34
CA ASP D 37 -22.20 20.21 6.69
C ASP D 37 -22.56 21.29 7.70
N SER D 38 -22.21 22.54 7.38
CA SER D 38 -22.50 23.67 8.26
C SER D 38 -24.01 23.93 8.35
N ASP D 39 -24.72 23.61 7.28
CA ASP D 39 -26.16 23.82 7.24
C ASP D 39 -26.93 22.64 7.85
N ALA D 40 -26.26 21.51 8.01
CA ALA D 40 -26.89 20.34 8.62
C ALA D 40 -27.26 20.59 10.07
N ALA D 41 -28.17 19.77 10.60
CA ALA D 41 -28.68 19.95 11.95
C ALA D 41 -27.68 19.53 13.04
N SER D 42 -26.98 18.43 12.80
CA SER D 42 -26.20 17.79 13.86
C SER D 42 -24.99 18.60 14.33
N GLN D 43 -24.36 19.31 13.39
CA GLN D 43 -23.09 19.96 13.66
C GLN D 43 -22.07 18.95 14.16
N ARG D 44 -22.19 17.72 13.66
CA ARG D 44 -21.25 16.67 13.98
C ARG D 44 -20.68 16.09 12.68
N MET D 45 -19.48 15.55 12.75
CA MET D 45 -19.00 14.71 11.66
C MET D 45 -19.91 13.48 11.66
N GLU D 46 -20.47 13.14 10.51
CA GLU D 46 -21.44 12.06 10.45
C GLU D 46 -20.92 10.87 9.69
N PRO D 47 -21.28 9.66 10.14
CA PRO D 47 -20.91 8.40 9.47
C PRO D 47 -21.64 8.27 8.12
N ARG D 48 -20.91 7.85 7.08
CA ARG D 48 -21.49 7.67 5.76
C ARG D 48 -21.10 6.32 5.18
N ALA D 49 -20.53 5.46 6.03
CA ALA D 49 -20.26 4.08 5.68
C ALA D 49 -20.63 3.23 6.88
N PRO D 50 -21.03 1.97 6.65
CA PRO D 50 -21.38 1.04 7.73
C PRO D 50 -20.21 0.75 8.68
N TRP D 51 -19.06 0.42 8.10
CA TRP D 51 -17.88 0.00 8.86
C TRP D 51 -17.23 1.09 9.71
N ILE D 52 -17.73 2.32 9.61
CA ILE D 52 -17.23 3.41 10.44
C ILE D 52 -18.27 3.80 11.51
N GLU D 53 -19.50 3.33 11.31
CA GLU D 53 -20.63 3.74 12.13
C GLU D 53 -20.46 3.44 13.63
N GLN D 54 -19.70 2.39 13.95
CA GLN D 54 -19.55 1.99 15.35
C GLN D 54 -18.13 2.26 15.88
N GLU D 55 -17.54 3.36 15.43
CA GLU D 55 -16.19 3.74 15.83
C GLU D 55 -16.02 4.17 17.30
N GLY D 56 -17.10 4.68 17.89
CA GLY D 56 -17.05 5.09 19.29
C GLY D 56 -17.06 6.59 19.47
N PRO D 57 -17.72 7.06 20.54
CA PRO D 57 -17.92 8.49 20.85
C PRO D 57 -16.62 9.27 20.84
N GLU D 58 -15.54 8.66 21.30
CA GLU D 58 -14.25 9.34 21.35
C GLU D 58 -13.86 9.79 19.94
N TYR D 59 -13.98 8.85 19.00
CA TYR D 59 -13.69 9.11 17.59
C TYR D 59 -14.54 10.26 17.05
N TRP D 60 -15.85 10.15 17.20
CA TRP D 60 -16.79 11.13 16.65
C TRP D 60 -16.68 12.52 17.26
N ASP D 61 -16.40 12.58 18.56
CA ASP D 61 -16.17 13.85 19.24
C ASP D 61 -14.85 14.47 18.73
N GLY D 62 -13.82 13.63 18.65
CA GLY D 62 -12.52 14.06 18.14
C GLY D 62 -12.58 14.54 16.71
N GLU D 63 -13.41 13.88 15.90
CA GLU D 63 -13.52 14.21 14.48
C GLU D 63 -14.41 15.44 14.28
N THR D 64 -15.40 15.61 15.16
CA THR D 64 -16.31 16.76 15.12
C THR D 64 -15.55 18.01 15.47
N ARG D 65 -14.80 17.95 16.57
CA ARG D 65 -13.98 19.03 17.07
C ARG D 65 -13.02 19.55 16.01
N LYS D 66 -12.29 18.63 15.37
CA LYS D 66 -11.29 19.01 14.38
C LYS D 66 -11.89 19.63 13.13
N VAL D 67 -12.94 19.00 12.59
CA VAL D 67 -13.56 19.51 11.36
C VAL D 67 -14.25 20.85 11.60
N LYS D 68 -14.57 21.14 12.86
CA LYS D 68 -15.07 22.44 13.28
C LYS D 68 -13.96 23.48 13.22
N ALA D 69 -12.74 23.08 13.57
CA ALA D 69 -11.58 23.96 13.47
C ALA D 69 -11.18 24.18 12.02
N HIS D 70 -11.46 23.20 11.15
CA HIS D 70 -11.26 23.35 9.72
C HIS D 70 -12.20 24.42 9.16
N SER D 71 -13.42 24.45 9.67
CA SER D 71 -14.45 25.35 9.17
C SER D 71 -14.19 26.81 9.57
N GLN D 72 -13.73 27.01 10.80
CA GLN D 72 -13.24 28.30 11.26
C GLN D 72 -12.05 28.76 10.40
N THR D 73 -11.10 27.87 10.18
CA THR D 73 -9.93 28.18 9.37
C THR D 73 -10.31 28.70 7.98
N HIS D 74 -11.23 28.01 7.32
CA HIS D 74 -11.63 28.35 5.96
C HIS D 74 -12.42 29.67 5.89
N ARG D 75 -13.29 29.88 6.87
CA ARG D 75 -14.05 31.13 7.00
C ARG D 75 -13.09 32.32 7.14
N VAL D 76 -12.06 32.15 7.96
CA VAL D 76 -10.98 33.14 8.06
C VAL D 76 -10.21 33.29 6.75
N ASP D 77 -10.09 32.19 6.01
CA ASP D 77 -9.37 32.17 4.74
C ASP D 77 -10.07 33.01 3.67
N LEU D 78 -11.40 32.94 3.65
CA LEU D 78 -12.14 33.62 2.59
C LEU D 78 -11.95 35.13 2.65
N GLY D 79 -11.69 35.64 3.86
CA GLY D 79 -11.43 37.06 4.06
C GLY D 79 -10.01 37.42 3.64
N THR D 80 -9.04 36.66 4.14
CA THR D 80 -7.64 36.86 3.79
C THR D 80 -7.47 36.91 2.28
N LEU D 81 -8.08 35.94 1.60
CA LEU D 81 -8.03 35.82 0.13
C LEU D 81 -8.74 36.97 -0.58
N ARG D 82 -9.85 37.42 0.01
CA ARG D 82 -10.56 38.59 -0.49
C ARG D 82 -9.62 39.78 -0.45
N GLY D 83 -8.72 39.75 0.52
CA GLY D 83 -7.71 40.78 0.69
C GLY D 83 -6.68 40.72 -0.41
N TYR D 84 -6.00 39.57 -0.52
CA TYR D 84 -4.92 39.40 -1.48
C TYR D 84 -5.33 39.86 -2.88
N TYR D 85 -6.62 39.79 -3.17
CA TYR D 85 -7.12 40.07 -4.52
C TYR D 85 -7.92 41.35 -4.58
N ASN D 86 -8.07 42.01 -3.43
CA ASN D 86 -8.73 43.30 -3.38
C ASN D 86 -10.16 43.20 -3.89
N GLN D 87 -10.79 42.06 -3.63
CA GLN D 87 -12.17 41.84 -4.05
C GLN D 87 -13.16 42.55 -3.14
N SER D 88 -14.35 42.85 -3.66
CA SER D 88 -15.39 43.49 -2.86
C SER D 88 -15.97 42.48 -1.86
N GLU D 89 -16.84 42.97 -0.98
CA GLU D 89 -17.46 42.13 0.04
C GLU D 89 -18.79 41.57 -0.44
N ALA D 90 -19.32 42.14 -1.51
CA ALA D 90 -20.66 41.83 -1.98
C ALA D 90 -20.77 40.47 -2.68
N GLY D 91 -19.63 39.88 -3.05
CA GLY D 91 -19.63 38.69 -3.89
C GLY D 91 -19.37 37.38 -3.19
N SER D 92 -19.91 36.31 -3.78
CA SER D 92 -19.68 34.95 -3.28
C SER D 92 -18.36 34.40 -3.83
N HIS D 93 -17.60 33.74 -2.96
CA HIS D 93 -16.30 33.19 -3.35
C HIS D 93 -16.09 31.78 -2.83
N THR D 94 -15.16 31.06 -3.47
CA THR D 94 -14.93 29.63 -3.19
C THR D 94 -13.50 29.27 -2.82
N VAL D 95 -13.37 28.57 -1.69
CA VAL D 95 -12.12 27.93 -1.30
C VAL D 95 -12.28 26.41 -1.34
N GLN D 96 -11.32 25.70 -1.95
CA GLN D 96 -11.40 24.25 -2.00
C GLN D 96 -10.10 23.61 -1.52
N ARG D 97 -10.22 22.63 -0.63
N ARG D 97 -10.23 22.66 -0.61
CA ARG D 97 -9.07 21.95 -0.04
CA ARG D 97 -9.06 21.95 -0.10
C ARG D 97 -9.19 20.43 -0.13
C ARG D 97 -9.23 20.44 -0.32
N MET D 98 -8.12 19.78 -0.55
CA MET D 98 -8.10 18.33 -0.62
C MET D 98 -6.75 17.93 -0.06
N TYR D 99 -6.73 16.91 0.80
CA TYR D 99 -5.47 16.30 1.19
C TYR D 99 -5.69 14.82 1.46
N GLY D 100 -4.61 14.05 1.38
CA GLY D 100 -4.69 12.64 1.67
C GLY D 100 -3.41 11.92 1.38
N CYS D 101 -3.47 10.60 1.45
CA CYS D 101 -2.30 9.76 1.30
C CYS D 101 -2.65 8.48 0.55
N ASP D 102 -1.70 8.05 -0.28
CA ASP D 102 -1.81 6.83 -1.05
C ASP D 102 -0.87 5.81 -0.46
N VAL D 103 -1.33 4.57 -0.37
CA VAL D 103 -0.44 3.49 0.01
C VAL D 103 -0.43 2.47 -1.13
N GLY D 104 0.60 1.64 -1.20
CA GLY D 104 0.71 0.68 -2.28
C GLY D 104 0.10 -0.66 -1.92
N SER D 105 0.46 -1.69 -2.66
CA SER D 105 -0.01 -3.05 -2.39
C SER D 105 0.35 -3.43 -0.96
N ASP D 106 1.52 -2.97 -0.52
CA ASP D 106 2.02 -3.34 0.81
C ASP D 106 1.35 -2.58 1.93
N TRP D 107 0.56 -1.57 1.56
CA TRP D 107 -0.12 -0.71 2.53
C TRP D 107 0.86 0.21 3.23
N ARG D 108 2.07 0.31 2.66
CA ARG D 108 3.03 1.29 3.12
C ARG D 108 2.78 2.61 2.42
N PHE D 109 3.15 3.70 3.07
CA PHE D 109 3.05 5.02 2.49
C PHE D 109 3.69 5.08 1.11
N LEU D 110 2.93 5.59 0.15
CA LEU D 110 3.37 5.73 -1.24
C LEU D 110 3.56 7.20 -1.61
N ARG D 111 2.57 8.03 -1.28
CA ARG D 111 2.68 9.47 -1.47
C ARG D 111 1.58 10.20 -0.72
N GLY D 112 1.86 11.46 -0.40
CA GLY D 112 0.89 12.31 0.24
C GLY D 112 0.67 13.56 -0.59
N TYR D 113 -0.45 14.24 -0.38
CA TYR D 113 -0.73 15.43 -1.15
C TYR D 113 -1.53 16.44 -0.33
N HIS D 114 -1.46 17.70 -0.76
CA HIS D 114 -2.14 18.76 -0.06
C HIS D 114 -2.33 19.95 -1.00
N GLN D 115 -3.55 20.09 -1.52
CA GLN D 115 -3.85 21.09 -2.55
C GLN D 115 -4.91 22.07 -2.08
N TYR D 116 -4.89 23.25 -2.68
CA TYR D 116 -5.74 24.36 -2.28
C TYR D 116 -6.08 25.20 -3.51
N ALA D 117 -7.37 25.44 -3.74
CA ALA D 117 -7.83 26.22 -4.89
C ALA D 117 -8.67 27.39 -4.45
N TYR D 118 -8.59 28.50 -5.17
CA TYR D 118 -9.46 29.64 -4.89
C TYR D 118 -10.23 29.97 -6.16
N ASP D 119 -11.55 30.09 -6.02
CA ASP D 119 -12.42 30.36 -7.16
C ASP D 119 -12.21 29.36 -8.31
N GLY D 120 -11.90 28.13 -7.93
CA GLY D 120 -11.88 27.02 -8.88
C GLY D 120 -10.62 26.91 -9.72
N LYS D 121 -9.55 27.56 -9.27
CA LYS D 121 -8.24 27.45 -9.94
C LYS D 121 -7.14 27.25 -8.91
N ASP D 122 -6.10 26.51 -9.27
CA ASP D 122 -4.99 26.26 -8.36
C ASP D 122 -4.60 27.52 -7.60
N TYR D 123 -4.38 27.37 -6.29
CA TYR D 123 -3.81 28.45 -5.51
C TYR D 123 -2.45 28.02 -4.95
N ILE D 124 -2.43 26.94 -4.19
CA ILE D 124 -1.18 26.46 -3.64
C ILE D 124 -1.23 24.95 -3.41
N ALA D 125 -0.10 24.28 -3.64
CA ALA D 125 -0.06 22.84 -3.51
C ALA D 125 1.27 22.36 -2.94
N LEU D 126 1.21 21.55 -1.88
CA LEU D 126 2.37 20.83 -1.39
C LEU D 126 2.89 19.92 -2.49
N LYS D 127 4.20 19.92 -2.70
CA LYS D 127 4.79 19.16 -3.80
C LYS D 127 5.16 17.73 -3.40
N GLU D 128 5.43 16.89 -4.40
CA GLU D 128 5.83 15.50 -4.19
C GLU D 128 6.62 15.28 -2.89
N ASP D 129 7.69 16.06 -2.71
CA ASP D 129 8.63 15.86 -1.59
C ASP D 129 8.08 16.19 -0.19
N LEU D 130 6.88 16.77 -0.15
CA LEU D 130 6.20 17.16 1.10
C LEU D 130 7.05 18.13 1.89
N ARG D 131 8.00 18.76 1.19
CA ARG D 131 8.87 19.78 1.78
C ARG D 131 8.61 21.16 1.17
N SER D 132 8.27 21.20 -0.12
CA SER D 132 8.17 22.46 -0.83
C SER D 132 6.79 22.68 -1.44
N TRP D 133 6.49 23.94 -1.78
CA TRP D 133 5.18 24.36 -2.26
C TRP D 133 5.19 24.86 -3.70
N THR D 134 4.04 24.80 -4.36
CA THR D 134 3.87 25.45 -5.65
C THR D 134 2.81 26.54 -5.55
N ALA D 135 3.22 27.79 -5.65
CA ALA D 135 2.31 28.93 -5.63
C ALA D 135 1.85 29.32 -7.04
N ALA D 136 0.55 29.53 -7.21
CA ALA D 136 -0.03 29.74 -8.55
C ALA D 136 0.14 31.15 -9.10
N ASP D 137 0.26 32.13 -8.21
CA ASP D 137 0.38 33.53 -8.60
C ASP D 137 1.03 34.37 -7.51
N MET D 138 0.91 35.68 -7.63
CA MET D 138 1.57 36.60 -6.70
C MET D 138 1.01 36.49 -5.28
N ALA D 139 -0.29 36.30 -5.19
CA ALA D 139 -0.96 36.16 -3.90
C ALA D 139 -0.51 34.90 -3.17
N ALA D 140 -0.46 33.78 -3.88
CA ALA D 140 -0.12 32.50 -3.26
C ALA D 140 1.35 32.45 -2.78
N GLN D 141 2.15 33.41 -3.23
CA GLN D 141 3.55 33.53 -2.81
C GLN D 141 3.62 33.91 -1.35
N THR D 142 2.80 34.89 -1.00
CA THR D 142 2.66 35.37 0.36
C THR D 142 2.31 34.24 1.31
N THR D 143 1.33 33.43 0.91
CA THR D 143 0.93 32.24 1.66
C THR D 143 2.10 31.27 1.79
N LYS D 144 2.76 31.01 0.66
CA LYS D 144 3.96 30.18 0.60
C LYS D 144 4.97 30.67 1.63
N HIS D 145 5.27 31.97 1.59
CA HIS D 145 6.23 32.56 2.51
C HIS D 145 5.76 32.37 3.96
N LYS D 146 4.45 32.52 4.18
CA LYS D 146 3.88 32.44 5.53
C LYS D 146 3.98 31.02 6.08
N TRP D 147 3.75 30.05 5.20
CA TRP D 147 3.71 28.64 5.55
C TRP D 147 5.11 28.06 5.72
N GLU D 148 6.03 28.51 4.88
CA GLU D 148 7.43 28.21 5.05
C GLU D 148 7.89 28.74 6.41
N ALA D 149 7.53 29.99 6.68
CA ALA D 149 7.86 30.63 7.95
C ALA D 149 7.37 29.77 9.12
N ALA D 150 6.20 29.15 8.98
CA ALA D 150 5.58 28.43 10.09
C ALA D 150 5.76 26.92 10.01
N HIS D 151 6.61 26.47 9.08
CA HIS D 151 6.88 25.05 8.90
C HIS D 151 5.58 24.26 8.77
N VAL D 152 4.61 24.85 8.07
CA VAL D 152 3.35 24.18 7.79
C VAL D 152 3.57 22.79 7.14
N ALA D 153 4.58 22.68 6.27
CA ALA D 153 4.80 21.47 5.51
C ALA D 153 5.24 20.29 6.39
N GLU D 154 6.09 20.60 7.37
CA GLU D 154 6.59 19.60 8.31
C GLU D 154 5.42 18.97 9.06
N GLN D 155 4.54 19.81 9.56
CA GLN D 155 3.37 19.33 10.27
C GLN D 155 2.39 18.60 9.35
N LEU D 156 2.38 19.00 8.07
CA LEU D 156 1.59 18.27 7.08
C LEU D 156 2.18 16.89 6.82
N ARG D 157 3.50 16.87 6.59
CA ARG D 157 4.21 15.63 6.33
C ARG D 157 4.00 14.61 7.46
N ALA D 158 4.03 15.07 8.71
CA ALA D 158 3.86 14.18 9.86
C ALA D 158 2.50 13.51 9.82
N TYR D 159 1.51 14.27 9.36
CA TYR D 159 0.17 13.75 9.25
C TYR D 159 0.04 12.72 8.13
N LEU D 160 0.65 12.99 6.98
CA LEU D 160 0.47 12.17 5.79
C LEU D 160 1.26 10.86 5.85
N GLU D 161 2.36 10.85 6.60
CA GLU D 161 3.24 9.68 6.70
C GLU D 161 2.89 8.80 7.91
N GLY D 162 2.13 9.36 8.85
CA GLY D 162 1.71 8.63 10.03
C GLY D 162 0.20 8.50 10.20
N THR D 163 -0.43 9.49 10.84
CA THR D 163 -1.86 9.47 11.11
C THR D 163 -2.70 9.01 9.92
N CYS D 164 -2.33 9.50 8.73
CA CYS D 164 -3.12 9.28 7.53
C CYS D 164 -3.02 7.84 7.01
N VAL D 165 -1.81 7.30 6.98
CA VAL D 165 -1.61 5.94 6.51
C VAL D 165 -2.08 4.97 7.59
N GLU D 166 -1.83 5.35 8.84
CA GLU D 166 -2.22 4.58 10.01
C GLU D 166 -3.71 4.27 10.01
N TRP D 167 -4.52 5.31 9.89
CA TRP D 167 -5.96 5.14 9.97
C TRP D 167 -6.58 4.60 8.69
N LEU D 168 -5.96 4.91 7.56
CA LEU D 168 -6.31 4.28 6.29
C LEU D 168 -6.30 2.78 6.50
N ARG D 169 -5.19 2.27 7.03
CA ARG D 169 -5.04 0.84 7.27
C ARG D 169 -6.06 0.29 8.27
N ARG D 170 -6.34 1.03 9.34
CA ARG D 170 -7.39 0.61 10.28
C ARG D 170 -8.70 0.46 9.53
N TYR D 171 -9.05 1.47 8.74
CA TYR D 171 -10.29 1.42 7.94
C TYR D 171 -10.28 0.25 6.95
N LEU D 172 -9.22 0.14 6.17
CA LEU D 172 -9.12 -0.97 5.22
C LEU D 172 -9.40 -2.33 5.87
N GLU D 173 -8.79 -2.60 7.03
CA GLU D 173 -9.05 -3.82 7.80
C GLU D 173 -10.50 -3.86 8.30
N ASN D 174 -10.96 -2.75 8.86
CA ASN D 174 -12.30 -2.69 9.45
C ASN D 174 -13.42 -2.85 8.43
N GLY D 175 -13.27 -2.19 7.28
CA GLY D 175 -14.28 -2.24 6.24
C GLY D 175 -13.91 -3.19 5.10
N LYS D 176 -13.12 -4.21 5.43
CA LYS D 176 -12.52 -5.06 4.40
C LYS D 176 -13.50 -5.67 3.42
N GLU D 177 -14.74 -5.91 3.85
CA GLU D 177 -15.74 -6.45 2.97
C GLU D 177 -16.13 -5.47 1.88
N THR D 178 -16.11 -4.18 2.23
CA THR D 178 -16.45 -3.12 1.29
C THR D 178 -15.21 -2.55 0.61
N LEU D 179 -14.20 -2.21 1.40
CA LEU D 179 -13.03 -1.49 0.89
C LEU D 179 -12.05 -2.37 0.14
N GLN D 180 -11.99 -3.66 0.47
CA GLN D 180 -10.99 -4.54 -0.14
C GLN D 180 -11.53 -5.39 -1.28
N ARG D 181 -12.76 -5.11 -1.68
CA ARG D 181 -13.42 -5.84 -2.75
C ARG D 181 -13.08 -5.20 -4.08
N THR D 182 -13.18 -5.99 -5.15
CA THR D 182 -13.24 -5.47 -6.51
C THR D 182 -14.43 -6.08 -7.23
N ASP D 183 -15.42 -5.25 -7.58
CA ASP D 183 -16.51 -5.69 -8.42
C ASP D 183 -16.10 -5.42 -9.86
N ALA D 184 -15.83 -6.47 -10.61
CA ALA D 184 -15.60 -6.32 -12.03
C ALA D 184 -16.91 -5.84 -12.63
N PRO D 185 -16.85 -5.13 -13.76
CA PRO D 185 -18.09 -4.63 -14.35
C PRO D 185 -18.94 -5.74 -14.96
N LYS D 186 -20.25 -5.65 -14.76
CA LYS D 186 -21.18 -6.39 -15.58
C LYS D 186 -21.27 -5.62 -16.89
N THR D 187 -20.98 -6.30 -17.99
CA THR D 187 -20.95 -5.64 -19.29
C THR D 187 -22.00 -6.19 -20.23
N HIS D 188 -22.57 -5.30 -21.04
CA HIS D 188 -23.45 -5.72 -22.13
C HIS D 188 -23.42 -4.70 -23.25
N MET D 189 -23.99 -5.07 -24.38
CA MET D 189 -24.08 -4.15 -25.51
C MET D 189 -25.52 -3.92 -25.89
N THR D 190 -25.81 -2.75 -26.44
CA THR D 190 -27.15 -2.45 -26.93
C THR D 190 -27.06 -1.88 -28.34
N HIS D 191 -28.10 -2.11 -29.13
CA HIS D 191 -28.16 -1.71 -30.53
C HIS D 191 -29.46 -0.96 -30.74
N HIS D 192 -29.38 0.21 -31.36
CA HIS D 192 -30.56 0.99 -31.69
C HIS D 192 -30.38 1.55 -33.09
N ALA D 193 -31.39 1.41 -33.93
CA ALA D 193 -31.29 1.96 -35.27
C ALA D 193 -31.39 3.47 -35.17
N VAL D 194 -30.40 4.16 -35.72
CA VAL D 194 -30.46 5.61 -35.85
C VAL D 194 -31.37 5.90 -37.02
N SER D 195 -31.11 5.22 -38.12
CA SER D 195 -31.92 5.30 -39.33
C SER D 195 -31.89 3.93 -40.00
N ASP D 196 -32.32 3.87 -41.26
CA ASP D 196 -32.27 2.62 -42.00
C ASP D 196 -30.85 2.34 -42.52
N HIS D 197 -29.92 3.26 -42.26
CA HIS D 197 -28.55 3.09 -42.70
C HIS D 197 -27.52 3.30 -41.58
N GLU D 198 -28.00 3.61 -40.38
CA GLU D 198 -27.12 3.78 -39.23
C GLU D 198 -27.69 3.10 -38.01
N ALA D 199 -26.81 2.73 -37.09
CA ALA D 199 -27.20 2.16 -35.82
C ALA D 199 -26.21 2.58 -34.73
N THR D 200 -26.73 2.90 -33.56
CA THR D 200 -25.88 3.24 -32.41
C THR D 200 -25.52 1.96 -31.66
N LEU D 201 -24.22 1.69 -31.51
CA LEU D 201 -23.77 0.56 -30.68
C LEU D 201 -23.25 1.10 -29.35
N ARG D 202 -23.80 0.60 -28.24
CA ARG D 202 -23.44 1.12 -26.94
C ARG D 202 -22.90 0.05 -26.01
N CYS D 203 -21.69 0.30 -25.51
CA CYS D 203 -21.03 -0.59 -24.58
C CYS D 203 -21.25 -0.13 -23.13
N TRP D 204 -21.84 -0.99 -22.31
CA TRP D 204 -22.09 -0.72 -20.91
C TRP D 204 -21.15 -1.46 -19.98
N ALA D 205 -20.70 -0.79 -18.94
CA ALA D 205 -20.06 -1.44 -17.78
C ALA D 205 -20.87 -1.01 -16.56
N LEU D 206 -21.44 -1.97 -15.85
CA LEU D 206 -22.30 -1.64 -14.75
C LEU D 206 -21.80 -2.26 -13.46
N SER D 207 -22.14 -1.62 -12.34
CA SER D 207 -21.97 -2.24 -11.04
C SER D 207 -20.51 -2.59 -10.76
N PHE D 208 -19.60 -1.67 -11.09
CA PHE D 208 -18.18 -1.92 -10.84
C PHE D 208 -17.60 -1.12 -9.68
N TYR D 209 -16.58 -1.68 -9.05
CA TYR D 209 -15.80 -1.00 -8.01
C TYR D 209 -14.35 -1.48 -8.01
N PRO D 210 -13.38 -0.56 -7.99
CA PRO D 210 -13.55 0.90 -7.92
C PRO D 210 -13.91 1.55 -9.25
N ALA D 211 -13.87 2.88 -9.27
CA ALA D 211 -14.37 3.66 -10.39
C ALA D 211 -13.48 3.69 -11.63
N GLU D 212 -12.17 3.51 -11.46
CA GLU D 212 -11.24 3.50 -12.60
C GLU D 212 -11.58 2.36 -13.54
N ILE D 213 -11.75 2.70 -14.82
CA ILE D 213 -12.17 1.75 -15.83
C ILE D 213 -11.87 2.39 -17.16
N THR D 214 -11.49 1.58 -18.14
CA THR D 214 -11.34 2.07 -19.52
C THR D 214 -12.28 1.33 -20.46
N LEU D 215 -13.09 2.11 -21.18
CA LEU D 215 -13.94 1.56 -22.21
C LEU D 215 -13.52 2.17 -23.53
N THR D 216 -13.26 1.34 -24.53
CA THR D 216 -12.88 1.85 -25.85
C THR D 216 -13.57 1.07 -26.96
N TRP D 217 -13.74 1.69 -28.12
CA TRP D 217 -14.29 1.00 -29.28
C TRP D 217 -13.21 0.89 -30.34
N GLN D 218 -13.14 -0.26 -31.00
CA GLN D 218 -12.25 -0.42 -32.13
C GLN D 218 -13.05 -0.81 -33.35
N ARG D 219 -12.56 -0.49 -34.53
CA ARG D 219 -13.15 -0.96 -35.78
C ARG D 219 -12.06 -1.63 -36.61
N ASP D 220 -12.03 -2.95 -36.58
CA ASP D 220 -10.97 -3.72 -37.26
C ASP D 220 -9.62 -3.62 -36.53
N GLY D 221 -9.64 -3.45 -35.22
CA GLY D 221 -8.42 -3.35 -34.44
C GLY D 221 -8.04 -1.91 -34.16
N GLU D 222 -8.54 -1.02 -35.01
CA GLU D 222 -8.19 0.41 -34.92
C GLU D 222 -9.13 1.20 -33.99
N ASP D 223 -8.53 1.88 -33.00
CA ASP D 223 -9.28 2.64 -32.01
C ASP D 223 -10.05 3.83 -32.59
N GLN D 224 -11.35 3.86 -32.28
CA GLN D 224 -12.27 4.84 -32.83
C GLN D 224 -12.48 5.98 -31.86
N THR D 225 -11.40 6.52 -31.33
CA THR D 225 -11.50 7.48 -30.23
C THR D 225 -12.24 8.77 -30.60
N GLN D 226 -11.91 9.33 -31.76
CA GLN D 226 -12.55 10.56 -32.22
C GLN D 226 -14.05 10.40 -32.44
N ASP D 227 -14.47 9.17 -32.70
CA ASP D 227 -15.88 8.92 -33.04
C ASP D 227 -16.64 8.21 -31.93
N THR D 228 -15.97 8.02 -30.79
CA THR D 228 -16.59 7.38 -29.63
C THR D 228 -17.22 8.40 -28.68
N GLU D 229 -18.51 8.25 -28.39
CA GLU D 229 -19.10 9.06 -27.32
C GLU D 229 -18.96 8.38 -25.97
N LEU D 230 -18.33 9.06 -25.03
CA LEU D 230 -18.02 8.49 -23.73
C LEU D 230 -18.60 9.38 -22.64
N VAL D 231 -19.33 8.79 -21.71
CA VAL D 231 -19.89 9.57 -20.62
C VAL D 231 -18.95 9.51 -19.42
N GLU D 232 -18.94 10.55 -18.58
CA GLU D 232 -18.15 10.46 -17.35
C GLU D 232 -18.63 9.30 -16.47
N THR D 233 -17.68 8.63 -15.82
CA THR D 233 -18.00 7.58 -14.86
C THR D 233 -18.88 8.14 -13.73
N ARG D 234 -19.98 7.45 -13.45
CA ARG D 234 -21.02 7.98 -12.59
C ARG D 234 -21.35 7.04 -11.44
N PRO D 235 -21.70 7.60 -10.27
CA PRO D 235 -22.14 6.76 -9.17
C PRO D 235 -23.51 6.13 -9.43
N ALA D 236 -23.64 4.84 -9.13
CA ALA D 236 -24.94 4.17 -9.18
C ALA D 236 -25.80 4.46 -7.95
N GLY D 237 -25.16 4.75 -6.83
CA GLY D 237 -25.90 5.03 -5.61
C GLY D 237 -25.69 3.99 -4.52
N ASP D 238 -25.16 2.83 -4.90
CA ASP D 238 -24.97 1.73 -3.94
C ASP D 238 -23.49 1.46 -3.73
N GLY D 239 -22.66 2.46 -4.05
CA GLY D 239 -21.23 2.31 -3.90
C GLY D 239 -20.59 1.63 -5.09
N THR D 240 -21.35 1.43 -6.16
CA THR D 240 -20.77 0.96 -7.41
C THR D 240 -20.85 2.08 -8.44
N PHE D 241 -20.31 1.83 -9.63
CA PHE D 241 -20.28 2.83 -10.68
C PHE D 241 -20.75 2.26 -12.01
N GLN D 242 -20.94 3.16 -12.98
CA GLN D 242 -21.31 2.75 -14.32
C GLN D 242 -20.66 3.68 -15.31
N LYS D 243 -20.60 3.22 -16.55
CA LYS D 243 -20.06 4.03 -17.62
C LYS D 243 -20.49 3.39 -18.93
N TRP D 244 -20.68 4.20 -19.96
CA TRP D 244 -20.87 3.63 -21.27
C TRP D 244 -20.14 4.42 -22.33
N ALA D 245 -19.89 3.76 -23.46
CA ALA D 245 -19.23 4.32 -24.61
C ALA D 245 -20.08 3.92 -25.82
N ALA D 246 -20.30 4.86 -26.73
CA ALA D 246 -21.15 4.61 -27.89
C ALA D 246 -20.48 5.02 -29.19
N VAL D 247 -20.81 4.30 -30.27
CA VAL D 247 -20.38 4.66 -31.61
C VAL D 247 -21.55 4.56 -32.57
N VAL D 248 -21.54 5.37 -33.62
CA VAL D 248 -22.51 5.18 -34.68
C VAL D 248 -21.93 4.37 -35.84
N VAL D 249 -22.60 3.27 -36.14
CA VAL D 249 -22.13 2.26 -37.07
C VAL D 249 -22.98 2.26 -38.33
N PRO D 250 -22.36 2.20 -39.52
CA PRO D 250 -23.24 2.01 -40.68
C PRO D 250 -23.93 0.65 -40.56
N SER D 251 -25.22 0.60 -40.85
CA SER D 251 -25.96 -0.65 -40.76
C SER D 251 -25.30 -1.69 -41.67
N GLY D 252 -25.02 -2.86 -41.11
CA GLY D 252 -24.30 -3.89 -41.84
C GLY D 252 -22.84 -4.03 -41.41
N GLN D 253 -22.35 -3.08 -40.61
CA GLN D 253 -20.94 -3.08 -40.22
C GLN D 253 -20.72 -3.41 -38.74
N GLU D 254 -21.79 -3.76 -38.01
CA GLU D 254 -21.70 -4.05 -36.58
C GLU D 254 -20.59 -5.04 -36.22
N GLN D 255 -20.38 -6.03 -37.09
CA GLN D 255 -19.35 -7.05 -36.87
C GLN D 255 -17.89 -6.55 -36.92
N ARG D 256 -17.67 -5.33 -37.41
CA ARG D 256 -16.31 -4.78 -37.52
C ARG D 256 -15.84 -4.13 -36.23
N TYR D 257 -16.75 -3.97 -35.29
CA TYR D 257 -16.51 -3.22 -34.07
C TYR D 257 -16.37 -4.13 -32.85
N THR D 258 -15.45 -3.76 -31.98
CA THR D 258 -15.27 -4.43 -30.71
C THR D 258 -15.17 -3.38 -29.63
N CYS D 259 -15.72 -3.71 -28.46
CA CYS D 259 -15.58 -2.86 -27.30
C CYS D 259 -14.59 -3.53 -26.36
N HIS D 260 -13.71 -2.72 -25.77
CA HIS D 260 -12.70 -3.26 -24.88
C HIS D 260 -12.84 -2.66 -23.49
N VAL D 261 -13.00 -3.53 -22.49
CA VAL D 261 -13.21 -3.11 -21.12
C VAL D 261 -12.05 -3.55 -20.25
N GLN D 262 -11.39 -2.59 -19.64
CA GLN D 262 -10.31 -2.88 -18.74
C GLN D 262 -10.70 -2.41 -17.36
N HIS D 263 -10.64 -3.30 -16.39
CA HIS D 263 -10.95 -2.94 -15.03
C HIS D 263 -10.15 -3.82 -14.07
N GLU D 264 -9.68 -3.25 -12.96
CA GLU D 264 -8.92 -3.99 -11.95
C GLU D 264 -9.58 -5.30 -11.52
N GLY D 265 -10.90 -5.35 -11.62
CA GLY D 265 -11.66 -6.53 -11.24
C GLY D 265 -11.77 -7.54 -12.37
N LEU D 266 -11.02 -7.39 -13.42
CA LEU D 266 -11.19 -8.34 -14.48
C LEU D 266 -9.87 -9.03 -14.64
N PRO D 267 -9.90 -10.36 -14.62
CA PRO D 267 -8.69 -11.15 -14.75
C PRO D 267 -7.98 -10.90 -16.08
N LYS D 268 -8.63 -10.15 -16.97
CA LYS D 268 -8.06 -9.83 -18.27
C LYS D 268 -9.03 -9.04 -19.12
N PRO D 269 -8.50 -8.15 -19.97
CA PRO D 269 -9.34 -7.32 -20.84
C PRO D 269 -10.59 -8.06 -21.29
N LEU D 270 -11.63 -7.32 -21.66
CA LEU D 270 -12.87 -7.91 -22.11
C LEU D 270 -13.28 -7.37 -23.48
N THR D 271 -13.14 -8.22 -24.50
CA THR D 271 -13.50 -7.84 -25.86
C THR D 271 -14.95 -8.16 -26.16
N LEU D 272 -15.74 -7.14 -26.51
CA LEU D 272 -17.15 -7.33 -26.81
C LEU D 272 -17.44 -7.07 -28.27
N ARG D 273 -18.20 -7.97 -28.89
CA ARG D 273 -18.58 -7.84 -30.29
C ARG D 273 -20.06 -8.12 -30.50
N TRP D 274 -20.74 -7.22 -31.21
CA TRP D 274 -22.16 -7.37 -31.46
C TRP D 274 -22.35 -8.49 -32.48
N GLU D 275 -22.65 -9.69 -31.98
CA GLU D 275 -22.76 -10.86 -32.86
C GLU D 275 -23.93 -11.73 -32.44
N ILE E 2 -14.31 32.16 -12.89
CA ILE E 2 -14.42 30.87 -13.58
C ILE E 2 -15.84 30.33 -13.51
N GLN E 3 -16.36 29.92 -14.66
CA GLN E 3 -17.71 29.37 -14.73
C GLN E 3 -17.77 28.15 -15.65
N ARG E 4 -17.91 26.98 -15.03
CA ARG E 4 -17.98 25.73 -15.79
C ARG E 4 -19.41 25.21 -15.87
N THR E 5 -19.82 24.80 -17.06
CA THR E 5 -21.17 24.28 -17.28
C THR E 5 -21.29 22.84 -16.81
N PRO E 6 -22.39 22.53 -16.13
CA PRO E 6 -22.63 21.17 -15.64
C PRO E 6 -22.81 20.20 -16.78
N LYS E 7 -22.38 18.96 -16.56
CA LYS E 7 -22.70 17.84 -17.44
C LYS E 7 -23.76 16.97 -16.73
N ILE E 8 -24.85 16.65 -17.42
CA ILE E 8 -25.99 16.01 -16.77
C ILE E 8 -26.32 14.63 -17.32
N GLN E 9 -26.39 13.65 -16.42
CA GLN E 9 -26.81 12.30 -16.81
C GLN E 9 -28.04 11.89 -16.03
N VAL E 10 -29.03 11.36 -16.74
CA VAL E 10 -30.25 10.88 -16.13
C VAL E 10 -30.35 9.38 -16.37
N TYR E 11 -30.52 8.62 -15.30
CA TYR E 11 -30.40 7.18 -15.39
C TYR E 11 -30.92 6.55 -14.11
N SER E 12 -31.17 5.23 -14.13
CA SER E 12 -31.55 4.48 -12.95
C SER E 12 -30.39 3.68 -12.37
N ARG E 13 -30.44 3.44 -11.07
CA ARG E 13 -29.44 2.63 -10.39
C ARG E 13 -29.31 1.26 -11.02
N HIS E 14 -30.44 0.58 -11.18
CA HIS E 14 -30.49 -0.72 -11.83
C HIS E 14 -31.31 -0.60 -13.11
N PRO E 15 -31.14 -1.53 -14.05
CA PRO E 15 -31.99 -1.52 -15.25
C PRO E 15 -33.47 -1.44 -14.90
N ALA E 16 -34.18 -0.51 -15.52
CA ALA E 16 -35.56 -0.22 -15.20
C ALA E 16 -36.52 -1.34 -15.61
N GLU E 17 -37.20 -1.92 -14.63
CA GLU E 17 -38.26 -2.85 -14.91
C GLU E 17 -39.59 -2.30 -14.43
N ASN E 18 -40.57 -2.29 -15.33
CA ASN E 18 -41.92 -1.87 -14.96
C ASN E 18 -42.36 -2.59 -13.70
N GLY E 19 -42.75 -1.83 -12.69
CA GLY E 19 -43.28 -2.40 -11.47
C GLY E 19 -42.28 -2.77 -10.40
N LYS E 20 -41.00 -2.82 -10.74
CA LYS E 20 -39.97 -3.14 -9.75
C LYS E 20 -39.29 -1.88 -9.23
N SER E 21 -39.19 -1.78 -7.90
CA SER E 21 -38.55 -0.68 -7.20
C SER E 21 -37.12 -0.42 -7.67
N ASN E 22 -36.73 0.86 -7.60
CA ASN E 22 -35.51 1.31 -8.21
C ASN E 22 -35.16 2.68 -7.67
N PHE E 23 -34.07 3.27 -8.17
CA PHE E 23 -33.73 4.66 -7.86
C PHE E 23 -33.52 5.42 -9.16
N LEU E 24 -34.08 6.63 -9.26
CA LEU E 24 -33.82 7.54 -10.37
C LEU E 24 -32.72 8.53 -10.02
N ASN E 25 -31.65 8.53 -10.82
CA ASN E 25 -30.46 9.35 -10.59
C ASN E 25 -30.29 10.48 -11.57
N CYS E 26 -29.93 11.65 -11.05
CA CYS E 26 -29.40 12.74 -11.86
C CYS E 26 -28.03 13.10 -11.33
N TYR E 27 -27.02 12.70 -12.09
CA TYR E 27 -25.65 13.03 -11.80
C TYR E 27 -25.22 14.26 -12.58
N VAL E 28 -24.81 15.30 -11.87
CA VAL E 28 -24.31 16.52 -12.50
C VAL E 28 -22.88 16.76 -12.06
N SER E 29 -21.98 16.91 -13.02
CA SER E 29 -20.55 17.00 -12.75
C SER E 29 -19.91 18.08 -13.61
N GLY E 30 -18.68 18.44 -13.28
CA GLY E 30 -17.91 19.35 -14.10
C GLY E 30 -18.33 20.80 -14.02
N PHE E 31 -19.08 21.19 -12.99
CA PHE E 31 -19.52 22.57 -12.86
C PHE E 31 -18.73 23.43 -11.86
N HIS E 32 -18.82 24.74 -12.07
CA HIS E 32 -18.25 25.73 -11.18
C HIS E 32 -18.84 27.07 -11.56
N PRO E 33 -19.26 27.86 -10.56
CA PRO E 33 -19.21 27.61 -9.12
C PRO E 33 -20.23 26.57 -8.61
N SER E 34 -20.45 26.54 -7.30
CA SER E 34 -21.21 25.44 -6.71
C SER E 34 -22.73 25.67 -6.62
N ASP E 35 -23.15 26.91 -6.88
CA ASP E 35 -24.56 27.26 -6.86
C ASP E 35 -25.27 26.59 -8.02
N ILE E 36 -26.23 25.72 -7.70
CA ILE E 36 -26.93 24.94 -8.71
C ILE E 36 -28.27 24.44 -8.22
N GLU E 37 -29.22 24.40 -9.16
CA GLU E 37 -30.58 23.97 -8.89
C GLU E 37 -30.84 22.72 -9.72
N VAL E 38 -31.12 21.61 -9.05
CA VAL E 38 -31.41 20.34 -9.71
C VAL E 38 -32.72 19.74 -9.22
N ASP E 39 -33.63 19.49 -10.15
CA ASP E 39 -34.92 18.93 -9.80
C ASP E 39 -35.17 17.69 -10.63
N LEU E 40 -35.79 16.70 -10.00
CA LEU E 40 -36.31 15.56 -10.75
C LEU E 40 -37.81 15.81 -11.04
N LEU E 41 -38.27 15.31 -12.18
CA LEU E 41 -39.62 15.55 -12.65
C LEU E 41 -40.33 14.26 -13.00
N LYS E 42 -41.48 14.03 -12.39
CA LYS E 42 -42.37 12.97 -12.82
C LYS E 42 -43.50 13.60 -13.65
N ASN E 43 -43.56 13.23 -14.92
CA ASN E 43 -44.51 13.82 -15.86
C ASN E 43 -44.52 15.35 -15.79
N GLY E 44 -43.35 15.96 -15.71
CA GLY E 44 -43.20 17.41 -15.75
C GLY E 44 -43.32 18.11 -14.41
N GLU E 45 -43.69 17.34 -13.38
CA GLU E 45 -43.92 17.87 -12.04
C GLU E 45 -42.76 17.56 -11.11
N ARG E 46 -42.38 18.55 -10.30
CA ARG E 46 -41.20 18.43 -9.46
C ARG E 46 -41.38 17.42 -8.32
N ILE E 47 -40.59 16.37 -8.34
CA ILE E 47 -40.56 15.37 -7.27
C ILE E 47 -40.05 15.98 -5.96
N GLU E 48 -40.79 15.77 -4.87
CA GLU E 48 -40.53 16.47 -3.62
C GLU E 48 -39.53 15.78 -2.70
N LYS E 49 -39.62 14.45 -2.59
CA LYS E 49 -38.69 13.67 -1.78
C LYS E 49 -37.37 13.31 -2.50
N VAL E 50 -36.58 14.34 -2.84
CA VAL E 50 -35.33 14.15 -3.59
C VAL E 50 -34.11 14.43 -2.75
N GLU E 51 -33.25 13.42 -2.58
CA GLU E 51 -32.04 13.57 -1.81
C GLU E 51 -30.87 13.85 -2.73
N HIS E 52 -29.81 14.43 -2.18
CA HIS E 52 -28.56 14.54 -2.95
C HIS E 52 -27.34 14.10 -2.15
N SER E 53 -26.23 13.90 -2.86
CA SER E 53 -24.96 13.50 -2.27
C SER E 53 -24.25 14.72 -1.67
N ASP E 54 -23.16 14.51 -0.95
CA ASP E 54 -22.41 15.63 -0.39
C ASP E 54 -21.53 16.24 -1.48
N LEU E 55 -21.57 17.56 -1.59
CA LEU E 55 -20.75 18.28 -2.56
C LEU E 55 -19.28 17.90 -2.46
N SER E 56 -18.74 17.38 -3.56
CA SER E 56 -17.33 17.05 -3.65
C SER E 56 -16.87 17.55 -5.01
N PHE E 57 -15.58 17.49 -5.28
CA PHE E 57 -15.08 18.01 -6.54
C PHE E 57 -14.04 17.08 -7.14
N SER E 58 -13.72 17.35 -8.41
CA SER E 58 -12.86 16.49 -9.19
C SER E 58 -11.40 16.94 -9.17
N LYS E 59 -10.61 16.44 -10.12
CA LYS E 59 -9.19 16.77 -10.18
C LYS E 59 -8.93 18.15 -10.77
N ASP E 60 -9.86 18.64 -11.59
CA ASP E 60 -9.76 19.98 -12.14
C ASP E 60 -10.55 20.97 -11.27
N TRP E 61 -10.85 20.55 -10.05
CA TRP E 61 -11.52 21.39 -9.05
C TRP E 61 -13.02 21.58 -9.27
N SER E 62 -13.56 21.04 -10.37
CA SER E 62 -14.98 21.22 -10.67
C SER E 62 -15.83 20.30 -9.79
N PHE E 63 -17.06 20.72 -9.50
CA PHE E 63 -17.94 19.97 -8.57
C PHE E 63 -18.72 18.85 -9.25
N TYR E 64 -19.13 17.86 -8.46
CA TYR E 64 -20.14 16.90 -8.91
C TYR E 64 -21.16 16.64 -7.80
N LEU E 65 -22.39 16.29 -8.20
CA LEU E 65 -23.46 15.96 -7.27
C LEU E 65 -24.35 14.88 -7.86
N LEU E 66 -24.82 13.96 -7.01
CA LEU E 66 -25.85 13.01 -7.39
C LEU E 66 -27.15 13.36 -6.68
N TYR E 67 -28.18 13.70 -7.46
CA TYR E 67 -29.53 13.82 -6.95
C TYR E 67 -30.29 12.52 -7.25
N TYR E 68 -31.03 12.01 -6.27
CA TYR E 68 -31.59 10.67 -6.42
C TYR E 68 -32.89 10.55 -5.67
N THR E 69 -33.72 9.61 -6.12
CA THR E 69 -35.03 9.38 -5.49
C THR E 69 -35.44 7.96 -5.78
N GLU E 70 -36.16 7.35 -4.84
CA GLU E 70 -36.63 5.99 -5.03
C GLU E 70 -37.89 5.99 -5.87
N PHE E 71 -37.90 5.20 -6.94
CA PHE E 71 -39.07 5.16 -7.80
C PHE E 71 -39.32 3.77 -8.42
N THR E 72 -40.55 3.55 -8.88
CA THR E 72 -40.91 2.33 -9.58
C THR E 72 -41.33 2.67 -11.00
N PRO E 73 -40.49 2.36 -11.98
CA PRO E 73 -40.92 2.73 -13.34
C PRO E 73 -42.21 2.02 -13.71
N THR E 74 -43.06 2.72 -14.43
CA THR E 74 -44.19 2.11 -15.11
C THR E 74 -44.01 2.44 -16.59
N GLU E 75 -44.90 1.92 -17.44
CA GLU E 75 -44.74 2.07 -18.88
C GLU E 75 -45.11 3.45 -19.41
N LYS E 76 -45.88 4.20 -18.64
CA LYS E 76 -46.44 5.45 -19.14
C LYS E 76 -45.91 6.70 -18.41
N ASP E 77 -45.25 6.48 -17.27
CA ASP E 77 -44.68 7.57 -16.48
C ASP E 77 -43.38 8.11 -17.08
N GLU E 78 -43.37 9.41 -17.32
CA GLU E 78 -42.21 10.07 -17.88
C GLU E 78 -41.38 10.78 -16.79
N TYR E 79 -40.08 10.65 -16.92
CA TYR E 79 -39.13 11.18 -15.93
C TYR E 79 -38.09 12.11 -16.57
N ALA E 80 -37.58 13.07 -15.81
CA ALA E 80 -36.60 14.01 -16.33
C ALA E 80 -35.87 14.74 -15.21
N CYS E 81 -34.78 15.40 -15.56
CA CYS E 81 -34.00 16.21 -14.64
C CYS E 81 -33.97 17.61 -15.20
N ARG E 82 -34.30 18.62 -14.39
CA ARG E 82 -34.16 20.00 -14.82
C ARG E 82 -33.04 20.69 -14.04
N VAL E 83 -32.07 21.22 -14.77
CA VAL E 83 -30.90 21.79 -14.13
C VAL E 83 -30.81 23.28 -14.46
N ASN E 84 -30.59 24.10 -13.43
CA ASN E 84 -30.23 25.49 -13.69
C ASN E 84 -28.87 25.80 -13.07
N HIS E 85 -28.08 26.59 -13.77
CA HIS E 85 -26.78 26.99 -13.28
C HIS E 85 -26.45 28.31 -13.94
N VAL E 86 -25.57 29.08 -13.30
CA VAL E 86 -25.09 30.37 -13.82
C VAL E 86 -24.68 30.32 -15.31
N THR E 87 -24.11 29.20 -15.73
CA THR E 87 -23.68 29.01 -17.12
C THR E 87 -24.81 28.64 -18.08
N LEU E 88 -26.02 28.48 -17.55
CA LEU E 88 -27.17 28.09 -18.36
C LEU E 88 -28.15 29.25 -18.51
N SER E 89 -28.33 29.70 -19.75
CA SER E 89 -29.23 30.81 -20.04
C SER E 89 -30.64 30.55 -19.52
N GLN E 90 -31.03 29.28 -19.53
CA GLN E 90 -32.30 28.87 -18.93
C GLN E 90 -32.25 27.42 -18.43
N PRO E 91 -33.17 27.04 -17.53
CA PRO E 91 -33.12 25.68 -17.00
C PRO E 91 -33.13 24.66 -18.13
N LYS E 92 -32.16 23.75 -18.07
CA LYS E 92 -32.04 22.69 -19.07
C LYS E 92 -32.72 21.42 -18.60
N ILE E 93 -33.50 20.81 -19.49
CA ILE E 93 -34.24 19.61 -19.17
C ILE E 93 -33.71 18.42 -19.93
N VAL E 94 -33.23 17.45 -19.17
CA VAL E 94 -32.74 16.20 -19.72
C VAL E 94 -33.73 15.09 -19.35
N LYS E 95 -34.30 14.46 -20.37
CA LYS E 95 -35.26 13.38 -20.16
C LYS E 95 -34.56 12.05 -19.89
N TRP E 96 -35.20 11.19 -19.10
CA TRP E 96 -34.63 9.90 -18.76
C TRP E 96 -34.93 8.87 -19.85
N ASP E 97 -33.88 8.33 -20.46
CA ASP E 97 -34.03 7.33 -21.52
C ASP E 97 -33.85 5.93 -20.97
N ARG E 98 -34.98 5.27 -20.67
CA ARG E 98 -34.95 3.92 -20.13
C ARG E 98 -34.07 3.00 -20.99
N ASP E 99 -34.56 2.66 -22.16
CA ASP E 99 -33.82 1.79 -23.08
C ASP E 99 -32.67 2.55 -23.74
N ILE F 2 -9.23 13.03 10.06
CA ILE F 2 -8.80 14.30 9.49
C ILE F 2 -7.55 14.85 10.17
N LEU F 3 -6.97 15.87 9.56
CA LEU F 3 -5.84 16.60 10.10
C LEU F 3 -6.21 17.21 11.46
N GLY F 4 -5.22 17.36 12.34
CA GLY F 4 -5.45 17.84 13.69
C GLY F 4 -5.45 19.34 13.96
N VAL F 6 -5.11 23.67 12.90
CA VAL F 6 -4.47 24.98 12.72
C VAL F 6 -4.22 25.33 11.25
N PHE F 7 -3.40 26.35 11.00
CA PHE F 7 -2.91 26.72 9.66
C PHE F 7 -2.68 28.21 9.46
N VAL F 9 -4.28 30.74 5.29
CA VAL F 9 -3.57 31.30 4.14
C VAL F 9 -3.00 32.69 4.41
#